data_8JLN
#
_entry.id   8JLN
#
_cell.length_a   1.00
_cell.length_b   1.00
_cell.length_c   1.00
_cell.angle_alpha   90.00
_cell.angle_beta   90.00
_cell.angle_gamma   90.00
#
_symmetry.space_group_name_H-M   'P 1'
#
loop_
_entity.id
_entity.type
_entity.pdbx_description
1 polymer mGs
2 polymer 'Guanine nucleotide-binding protein G(I)/G(S)/G(T) subunit beta-1'
3 polymer 'Soluble cytochrome b562,Trace amine-associated receptor 1'
4 polymer ScFv16
5 polymer 'Guanine nucleotide-binding protein G(I)/G(S)/G(O) subunit gamma-2'
6 non-polymer 4-[4-(2-azanylethyl)-2-iodanyl-phenoxy]phenol
#
loop_
_entity_poly.entity_id
_entity_poly.type
_entity_poly.pdbx_seq_one_letter_code
_entity_poly.pdbx_strand_id
1 'polypeptide(L)'
;MGCTLRNEEKAQREANKKIEKQLQKDKQVYRATHRLLLLGAGESGKNTIVKQMRIYHVNGYSEEECKQYKAVVYSNTIQS
IIAIIRAMGRLKIDFGDSARADDARQLFVLAGAAEEGFMTAELAGVIKRLWKDSGVQACFNRSREYQLNDSAAYYLNDLD
RIAQPNYIPTQQDVLRTRVKTSGIFETKFQVDKVNFHMFDVGAQRDERRKWIQCFNDVTAIIFVVASSSYNMVIREDNQT
NRLQAALKLFDSIWNNKWLRDTSVILFLNKQDLLAEKVLAGKSKIEDYFPEFARYTTPEDATPEPGEDPRVTRAKYFIRD
EFLRISTASGDGRHYCYPHFTCSVDTENIRRVFNDCRDIIQRMHLRQYELL
;
A
2 'polypeptide(L)'
;MHHHHHHLEVLFQGPGSSGSELDQLRQEAEQLKNQIRDARKACADATLSQITNNIDPVGRIQMRTRRTLRGHLAKIYAMH
WGTDSRLLVSASQDGKLIIWDSYTTNKVHAIPLRSSWVMTCAYAPSGNYVACGGLDNICSIYNLKTREGNVRVSRELAGH
TGYLSCCRFLDDNQIVTSSGDTTCALWDIETGQQTTTFTGHTGDVMSLSLAPDTRLFVSGACDASAKLWDVREGMCRQTF
TGHESDINAICFFPNGNAFATGSDDATCRLFDLRADQELMTYSHDNIICGITSVSFSKSGRLLLAGYDDFNCNVWDALKA
DRAGVLAGHDNRVSCLGVTDDGMAVATGSWDSFLKIWN
;
B
3 'polypeptide(L)'
;DYKDDDDKHHHHHHHHHHENLYFQGADLEDNWETLNDNLKVIEKADNAAQVKDALTKMRAAALDAQKATPPKLEDKSPDS
PEMKDFRHGFDILVGQIDDALKLANEGKVKEAQAAAEQLKTTRNAYIQKYLMMPFCHNIINISCVKNNWSNDVRASLYSL
MVLIILTTLVGNLIVIVSISHFKQLHTPTNWLIHSMATVDFLLGCLVMPYSMVRSAEHCWYFGEVFCKIHTSTDIMLSSA
SIFHLSFISIDRYYAVCDPLRYKAKMNILVICVMIFISWSVPAVFAFGMIFLELNFKGAEEIYYKHVHCRGGCSVFFSKI
SGVLTFMTSFYIPGSIMLCVYYRIYLIAKEQARLISDANQKLQIGLEMKNGISQSKERKAVKTLGIVMGVFLICWCPFFI
CTVMDPFLHYIIPPTLNDVLIWFGYLNSTFNPMVYAFFYPWFRKALKMMLFGKIFQKDSSRCKLFLELSS
;
R
4 'polypeptide(L)'
;DVQLVESGGGLVQPGGSRKLSCSASGFAFSSFGMHWVRQAPEKGLEWVAYISSGSGTIYYADTVKGRFTISRDDPKNTLF
LQMTSLRSEDTAMYYCVRSIYYYGSSPFDFWGQGTTLTVSSGGGGSGGGGSGGGGSDIVMTQATSSVPVTPGESVSISCR
SSKSLLHSNGNTYLYWFLQRPGQSPQLLIYRMSNLASGVPDRFSGSGSGTAFTLTISRLEAEDVGVYYCMQHLEYPLTFG
AGTKLELKAAA
;
S
5 'polypeptide(L)' MASNNTASIAQARKLVEQLKMEANIDRIKVSKAAADLMAYCEAHAKEDPLLTPVPASENPFREKKFFCAIL Y
#
loop_
_chem_comp.id
_chem_comp.type
_chem_comp.name
_chem_comp.formula
UJF non-polymer 4-[4-(2-azanylethyl)-2-iodanyl-phenoxy]phenol 'C14 H14 I N O2'
#
# COMPACT_ATOMS: atom_id res chain seq x y z
N ARG A 6 -18.02 -25.76 1.79
CA ARG A 6 -17.16 -24.64 2.13
C ARG A 6 -15.86 -24.70 1.32
N ASN A 7 -15.86 -25.52 0.27
CA ASN A 7 -14.68 -25.63 -0.59
C ASN A 7 -14.43 -24.33 -1.35
N GLU A 8 -15.50 -23.60 -1.67
CA GLU A 8 -15.36 -22.34 -2.38
C GLU A 8 -14.54 -21.34 -1.58
N GLU A 9 -14.83 -21.23 -0.28
CA GLU A 9 -14.07 -20.33 0.58
C GLU A 9 -12.62 -20.77 0.71
N LYS A 10 -12.37 -22.08 0.80
CA LYS A 10 -11.00 -22.57 0.89
C LYS A 10 -10.23 -22.24 -0.38
N ALA A 11 -10.84 -22.41 -1.54
CA ALA A 11 -10.17 -22.07 -2.80
C ALA A 11 -9.95 -20.56 -2.91
N GLN A 12 -10.91 -19.75 -2.46
CA GLN A 12 -10.72 -18.31 -2.44
C GLN A 12 -9.54 -17.92 -1.55
N ARG A 13 -9.43 -18.58 -0.39
CA ARG A 13 -8.30 -18.31 0.49
C ARG A 13 -6.99 -18.72 -0.15
N GLU A 14 -6.98 -19.84 -0.87
CA GLU A 14 -5.77 -20.27 -1.57
C GLU A 14 -5.36 -19.26 -2.64
N ALA A 15 -6.33 -18.75 -3.39
CA ALA A 15 -6.03 -17.72 -4.40
C ALA A 15 -5.51 -16.45 -3.73
N ASN A 16 -6.09 -16.08 -2.59
CA ASN A 16 -5.59 -14.93 -1.84
C ASN A 16 -4.16 -15.15 -1.39
N LYS A 17 -3.83 -16.36 -0.95
CA LYS A 17 -2.45 -16.65 -0.54
C LYS A 17 -1.50 -16.55 -1.72
N LYS A 18 -1.90 -17.04 -2.89
CA LYS A 18 -1.05 -16.91 -4.07
C LYS A 18 -0.83 -15.44 -4.43
N ILE A 19 -1.89 -14.64 -4.38
CA ILE A 19 -1.75 -13.21 -4.67
C ILE A 19 -0.85 -12.54 -3.65
N GLU A 20 -0.96 -12.95 -2.38
CA GLU A 20 -0.12 -12.39 -1.34
C GLU A 20 1.35 -12.76 -1.56
N LYS A 21 1.62 -13.99 -2.01
CA LYS A 21 2.99 -14.37 -2.31
C LYS A 21 3.54 -13.53 -3.47
N GLN A 22 2.73 -13.32 -4.50
CA GLN A 22 3.17 -12.47 -5.61
C GLN A 22 3.45 -11.05 -5.15
N LEU A 23 2.59 -10.51 -4.27
CA LEU A 23 2.80 -9.17 -3.74
C LEU A 23 4.05 -9.11 -2.87
N GLN A 24 4.34 -10.18 -2.11
CA GLN A 24 5.56 -10.22 -1.33
C GLN A 24 6.79 -10.20 -2.22
N LYS A 25 6.76 -10.96 -3.32
CA LYS A 25 7.87 -10.92 -4.27
C LYS A 25 8.03 -9.52 -4.87
N ASP A 26 6.91 -8.88 -5.21
CA ASP A 26 6.96 -7.52 -5.74
C ASP A 26 7.53 -6.54 -4.72
N LYS A 27 7.17 -6.68 -3.45
CA LYS A 27 7.74 -5.82 -2.41
C LYS A 27 9.24 -6.05 -2.26
N GLN A 28 9.67 -7.32 -2.31
CA GLN A 28 11.09 -7.62 -2.22
C GLN A 28 11.86 -6.98 -3.38
N VAL A 29 11.31 -7.04 -4.59
CA VAL A 29 11.97 -6.42 -5.74
C VAL A 29 11.96 -4.89 -5.61
N TYR A 30 10.86 -4.32 -5.10
CA TYR A 30 10.66 -2.88 -5.12
C TYR A 30 11.57 -2.14 -4.15
N ARG A 31 12.01 -2.79 -3.06
CA ARG A 31 12.73 -2.09 -2.01
C ARG A 31 14.21 -1.91 -2.31
N ALA A 32 14.71 -2.43 -3.43
CA ALA A 32 16.12 -2.35 -3.77
C ALA A 32 16.40 -1.36 -4.89
N THR A 33 15.52 -0.39 -5.11
CA THR A 33 15.68 0.61 -6.15
C THR A 33 15.56 2.01 -5.57
N HIS A 34 16.30 2.94 -6.15
CA HIS A 34 16.25 4.35 -5.78
C HIS A 34 15.69 5.16 -6.95
N ARG A 35 14.80 6.10 -6.64
CA ARG A 35 14.11 6.89 -7.65
C ARG A 35 14.66 8.31 -7.64
N LEU A 36 14.99 8.83 -8.82
CA LEU A 36 15.50 10.18 -8.98
C LEU A 36 14.57 10.99 -9.86
N LEU A 37 14.50 12.29 -9.59
CA LEU A 37 13.61 13.19 -10.33
C LEU A 37 14.45 14.13 -11.19
N LEU A 38 14.41 13.94 -12.50
CA LEU A 38 15.11 14.83 -13.41
C LEU A 38 14.34 16.13 -13.59
N LEU A 39 15.08 17.23 -13.74
CA LEU A 39 14.46 18.53 -13.92
C LEU A 39 15.43 19.43 -14.68
N GLY A 40 14.86 20.33 -15.49
CA GLY A 40 15.67 21.24 -16.28
C GLY A 40 14.87 22.15 -17.17
N ALA A 41 15.45 22.53 -18.32
CA ALA A 41 14.80 23.42 -19.26
C ALA A 41 15.05 22.92 -20.68
N GLY A 42 14.29 23.47 -21.62
CA GLY A 42 14.42 23.06 -23.00
C GLY A 42 15.76 23.43 -23.61
N GLU A 43 16.28 24.62 -23.27
CA GLU A 43 17.56 25.05 -23.80
C GLU A 43 18.69 24.16 -23.32
N SER A 44 18.65 23.73 -22.06
CA SER A 44 19.68 22.88 -21.51
C SER A 44 19.66 21.52 -22.19
N GLY A 45 20.83 20.89 -22.26
CA GLY A 45 20.95 19.59 -22.89
C GLY A 45 20.44 18.45 -22.04
N LYS A 46 19.24 18.61 -21.48
CA LYS A 46 18.68 17.58 -20.61
C LYS A 46 18.50 16.26 -21.36
N ASN A 47 18.06 16.32 -22.62
CA ASN A 47 17.98 15.12 -23.43
C ASN A 47 19.37 14.52 -23.65
N THR A 48 20.37 15.37 -23.90
CA THR A 48 21.73 14.87 -24.04
C THR A 48 22.22 14.23 -22.75
N ILE A 49 21.90 14.85 -21.60
CA ILE A 49 22.31 14.28 -20.31
C ILE A 49 21.69 12.91 -20.11
N VAL A 50 20.39 12.77 -20.38
CA VAL A 50 19.73 11.48 -20.16
C VAL A 50 20.25 10.44 -21.15
N LYS A 51 20.50 10.84 -22.40
CA LYS A 51 21.02 9.91 -23.39
C LYS A 51 22.40 9.40 -23.01
N GLN A 52 23.27 10.29 -22.53
CA GLN A 52 24.57 9.86 -22.06
C GLN A 52 24.47 9.08 -20.75
N MET A 53 23.43 9.33 -19.96
CA MET A 53 23.27 8.64 -18.69
C MET A 53 22.75 7.22 -18.87
N ARG A 54 22.06 6.96 -19.99
CA ARG A 54 21.60 5.59 -20.27
C ARG A 54 22.78 4.63 -20.37
N ILE A 55 23.85 5.05 -21.05
CA ILE A 55 25.02 4.20 -21.22
C ILE A 55 25.92 4.29 -19.98
N SER A 182 3.30 13.03 -24.52
CA SER A 182 3.15 11.59 -24.36
C SER A 182 3.48 11.15 -22.94
N GLY A 183 3.38 12.09 -22.00
CA GLY A 183 3.65 11.79 -20.62
C GLY A 183 5.15 11.73 -20.33
N ILE A 184 5.43 11.46 -19.05
CA ILE A 184 6.82 11.41 -18.59
C ILE A 184 7.51 10.18 -19.15
N PHE A 185 8.84 10.19 -19.11
CA PHE A 185 9.65 9.09 -19.61
C PHE A 185 10.44 8.47 -18.46
N GLU A 186 10.62 7.15 -18.53
CA GLU A 186 11.31 6.41 -17.49
C GLU A 186 12.50 5.69 -18.07
N THR A 187 13.61 5.72 -17.33
CA THR A 187 14.82 4.99 -17.71
C THR A 187 15.41 4.34 -16.47
N LYS A 188 16.21 3.30 -16.70
CA LYS A 188 16.81 2.53 -15.62
C LYS A 188 18.31 2.41 -15.86
N PHE A 189 19.07 2.34 -14.77
CA PHE A 189 20.49 2.00 -14.91
C PHE A 189 20.97 1.28 -13.67
N GLN A 190 22.09 0.58 -13.83
CA GLN A 190 22.70 -0.19 -12.76
C GLN A 190 24.14 0.28 -12.54
N VAL A 191 24.48 0.57 -11.29
CA VAL A 191 25.79 1.08 -10.91
C VAL A 191 26.26 0.28 -9.71
N ASP A 192 27.29 -0.54 -9.89
CA ASP A 192 27.85 -1.36 -8.81
C ASP A 192 26.77 -2.19 -8.12
N LYS A 193 25.95 -2.87 -8.93
CA LYS A 193 24.84 -3.69 -8.48
C LYS A 193 23.80 -2.89 -7.70
N VAL A 194 23.66 -1.60 -7.98
CA VAL A 194 22.60 -0.78 -7.40
C VAL A 194 21.76 -0.23 -8.54
N ASN A 195 20.44 -0.43 -8.43
CA ASN A 195 19.50 -0.06 -9.48
C ASN A 195 18.93 1.33 -9.21
N PHE A 196 18.99 2.20 -10.20
CA PHE A 196 18.45 3.54 -10.11
C PHE A 196 17.43 3.76 -11.22
N HIS A 197 16.29 4.32 -10.84
CA HIS A 197 15.19 4.66 -11.74
C HIS A 197 15.19 6.17 -11.92
N MET A 198 15.30 6.64 -13.16
CA MET A 198 15.37 8.06 -13.47
C MET A 198 14.14 8.44 -14.28
N PHE A 199 13.41 9.46 -13.82
CA PHE A 199 12.16 9.90 -14.42
C PHE A 199 12.40 11.21 -15.16
N ASP A 200 12.69 11.12 -16.45
CA ASP A 200 12.79 12.30 -17.29
C ASP A 200 11.39 12.92 -17.46
N VAL A 201 11.32 14.23 -17.36
CA VAL A 201 10.03 14.93 -17.28
C VAL A 201 9.82 15.69 -18.60
N GLY A 202 9.12 15.03 -19.52
CA GLY A 202 8.50 15.71 -20.63
C GLY A 202 7.00 15.65 -20.39
N ALA A 203 6.40 16.76 -20.01
CA ALA A 203 5.12 16.69 -19.31
C ALA A 203 4.26 17.87 -19.73
N GLN A 204 3.26 18.18 -18.90
CA GLN A 204 2.15 19.02 -19.26
C GLN A 204 2.56 20.50 -19.24
N ARG A 205 1.55 21.37 -19.26
CA ARG A 205 1.75 22.82 -19.25
C ARG A 205 2.67 23.23 -18.09
N ASP A 206 3.37 24.34 -18.29
CA ASP A 206 4.43 24.77 -17.37
C ASP A 206 3.80 25.32 -16.08
N GLU A 207 3.28 24.40 -15.28
CA GLU A 207 2.78 24.74 -13.94
C GLU A 207 2.91 23.49 -13.08
N ARG A 208 3.97 23.42 -12.28
CA ARG A 208 4.21 22.27 -11.42
C ARG A 208 3.70 22.50 -10.00
N ARG A 209 2.42 22.85 -9.88
CA ARG A 209 1.80 23.09 -8.58
C ARG A 209 1.09 21.86 -8.03
N LYS A 210 0.55 21.00 -8.89
CA LYS A 210 -0.28 19.89 -8.42
C LYS A 210 0.35 18.53 -8.70
N TRP A 211 1.10 18.41 -9.79
CA TRP A 211 1.74 17.14 -10.13
C TRP A 211 3.12 16.99 -9.50
N ILE A 212 3.58 17.98 -8.73
CA ILE A 212 4.82 17.87 -8.00
C ILE A 212 4.64 17.21 -6.64
N GLN A 213 3.41 17.04 -6.18
CA GLN A 213 3.15 16.42 -4.89
C GLN A 213 3.44 14.92 -4.89
N CYS A 214 3.33 14.26 -6.04
CA CYS A 214 3.56 12.82 -6.10
C CYS A 214 5.01 12.45 -5.86
N PHE A 215 5.94 13.40 -6.02
CA PHE A 215 7.37 13.16 -5.86
C PHE A 215 7.75 13.60 -4.44
N ASN A 216 7.53 12.72 -3.46
CA ASN A 216 7.91 12.99 -2.08
C ASN A 216 8.82 11.93 -1.49
N ASP A 217 8.93 10.75 -2.10
CA ASP A 217 9.81 9.71 -1.62
C ASP A 217 11.02 9.47 -2.52
N VAL A 218 11.24 10.36 -3.50
CA VAL A 218 12.37 10.21 -4.40
C VAL A 218 13.66 10.47 -3.64
N THR A 219 14.75 9.82 -4.07
CA THR A 219 16.03 9.96 -3.39
C THR A 219 16.61 11.36 -3.59
N ALA A 220 16.61 11.85 -4.83
CA ALA A 220 17.22 13.15 -5.11
C ALA A 220 16.63 13.73 -6.38
N ILE A 221 16.87 15.02 -6.57
CA ILE A 221 16.44 15.77 -7.75
C ILE A 221 17.69 16.20 -8.50
N ILE A 222 17.75 15.88 -9.79
CA ILE A 222 18.87 16.21 -10.65
C ILE A 222 18.45 17.41 -11.49
N PHE A 223 18.96 18.59 -11.14
CA PHE A 223 18.62 19.82 -11.84
C PHE A 223 19.71 20.14 -12.85
N VAL A 224 19.30 20.43 -14.09
CA VAL A 224 20.22 20.71 -15.18
C VAL A 224 20.07 22.17 -15.59
N VAL A 225 21.19 22.88 -15.68
CA VAL A 225 21.22 24.29 -16.04
C VAL A 225 22.23 24.50 -17.16
N ALA A 226 21.81 25.22 -18.20
CA ALA A 226 22.70 25.57 -19.31
C ALA A 226 23.46 26.84 -18.96
N SER A 227 24.78 26.78 -19.04
CA SER A 227 25.65 27.90 -18.69
C SER A 227 26.22 28.59 -19.92
N SER A 228 25.42 28.68 -20.99
CA SER A 228 25.84 29.34 -22.21
C SER A 228 24.89 30.49 -22.60
N SER A 229 24.10 30.99 -21.65
CA SER A 229 23.16 32.07 -21.93
C SER A 229 23.80 33.39 -21.50
N TYR A 230 24.41 34.07 -22.46
CA TYR A 230 25.02 35.36 -22.20
C TYR A 230 23.96 36.45 -22.08
N ASN A 231 24.40 37.63 -21.61
CA ASN A 231 23.48 38.76 -21.48
C ASN A 231 23.02 39.30 -22.82
N MET A 232 23.73 38.97 -23.91
CA MET A 232 23.29 39.37 -25.24
C MET A 232 22.09 38.57 -25.73
N VAL A 233 21.98 37.31 -25.31
CA VAL A 233 20.79 36.50 -25.63
C VAL A 233 19.90 36.58 -24.40
N ILE A 234 18.95 37.52 -24.44
CA ILE A 234 18.11 37.82 -23.29
C ILE A 234 16.91 36.88 -23.25
N ARG A 235 16.04 37.01 -24.25
CA ARG A 235 14.81 36.23 -24.34
C ARG A 235 14.07 36.56 -25.62
N GLU A 236 12.94 35.90 -25.87
CA GLU A 236 12.12 36.28 -27.02
C GLU A 236 11.22 37.46 -26.67
N ASP A 237 10.30 37.27 -25.71
CA ASP A 237 9.42 38.35 -25.30
C ASP A 237 9.06 38.31 -23.82
N ASN A 238 9.76 37.53 -22.99
CA ASN A 238 9.27 37.19 -21.66
C ASN A 238 10.01 37.89 -20.54
N GLN A 239 11.33 37.71 -20.43
CA GLN A 239 12.06 38.17 -19.27
C GLN A 239 13.51 38.50 -19.65
N THR A 240 14.36 38.55 -18.63
CA THR A 240 15.78 38.84 -18.81
C THR A 240 16.51 37.60 -19.30
N ASN A 241 17.84 37.63 -19.25
CA ASN A 241 18.65 36.53 -19.75
C ASN A 241 18.29 35.22 -19.04
N ARG A 242 18.44 34.11 -19.77
CA ARG A 242 17.93 32.82 -19.34
C ARG A 242 18.57 32.34 -18.04
N LEU A 243 19.75 32.85 -17.71
CA LEU A 243 20.36 32.50 -16.43
C LEU A 243 19.52 32.98 -15.27
N GLN A 244 18.95 34.18 -15.38
CA GLN A 244 18.05 34.68 -14.34
C GLN A 244 16.81 33.81 -14.20
N ALA A 245 16.25 33.38 -15.33
CA ALA A 245 15.09 32.49 -15.29
C ALA A 245 15.44 31.16 -14.64
N ALA A 246 16.62 30.62 -14.95
CA ALA A 246 17.05 29.38 -14.31
C ALA A 246 17.23 29.57 -12.81
N LEU A 247 17.79 30.71 -12.40
CA LEU A 247 17.95 30.98 -10.98
C LEU A 247 16.59 31.06 -10.28
N LYS A 248 15.62 31.73 -10.90
CA LYS A 248 14.28 31.81 -10.33
C LYS A 248 13.63 30.44 -10.24
N LEU A 249 13.81 29.61 -11.27
CA LEU A 249 13.25 28.26 -11.23
C LEU A 249 13.89 27.44 -10.10
N PHE A 250 15.21 27.55 -9.95
CA PHE A 250 15.89 26.84 -8.87
C PHE A 250 15.41 27.32 -7.50
N ASP A 251 15.21 28.64 -7.35
CA ASP A 251 14.70 29.18 -6.10
C ASP A 251 13.31 28.64 -5.80
N SER A 252 12.46 28.59 -6.83
CA SER A 252 11.10 28.07 -6.64
C SER A 252 11.13 26.60 -6.23
N ILE A 253 12.00 25.81 -6.84
CA ILE A 253 12.13 24.40 -6.45
C ILE A 253 12.63 24.29 -5.02
N TRP A 254 13.63 25.09 -4.65
CA TRP A 254 14.23 24.99 -3.33
C TRP A 254 13.25 25.40 -2.24
N ASN A 255 12.47 26.45 -2.46
CA ASN A 255 11.56 26.98 -1.46
C ASN A 255 10.17 26.34 -1.50
N ASN A 256 10.05 25.14 -2.07
CA ASN A 256 8.78 24.46 -2.10
C ASN A 256 8.46 23.88 -0.72
N LYS A 257 7.17 23.63 -0.48
CA LYS A 257 6.72 23.09 0.79
C LYS A 257 6.74 21.57 0.82
N TRP A 258 6.21 20.93 -0.24
CA TRP A 258 6.20 19.47 -0.29
C TRP A 258 7.55 18.89 -0.67
N LEU A 259 8.48 19.71 -1.14
CA LEU A 259 9.79 19.25 -1.60
C LEU A 259 10.84 19.32 -0.50
N ARG A 260 10.42 19.38 0.76
CA ARG A 260 11.37 19.37 1.86
C ARG A 260 11.94 17.96 2.04
N ASP A 261 13.04 17.89 2.79
CA ASP A 261 13.78 16.65 3.06
C ASP A 261 14.35 16.02 1.79
N THR A 262 14.41 16.77 0.69
CA THR A 262 14.94 16.29 -0.57
C THR A 262 16.10 17.16 -0.99
N SER A 263 17.23 16.54 -1.31
CA SER A 263 18.45 17.25 -1.66
C SER A 263 18.62 17.23 -3.18
N VAL A 264 18.93 18.40 -3.75
CA VAL A 264 19.07 18.55 -5.19
C VAL A 264 20.54 18.40 -5.59
N ILE A 265 20.77 17.81 -6.76
CA ILE A 265 22.11 17.64 -7.29
C ILE A 265 22.22 18.62 -8.46
N LEU A 266 22.75 19.81 -8.17
CA LEU A 266 22.84 20.85 -9.18
C LEU A 266 23.88 20.51 -10.23
N PHE A 267 23.54 20.76 -11.50
CA PHE A 267 24.42 20.53 -12.62
C PHE A 267 24.63 21.84 -13.38
N LEU A 268 25.84 21.99 -13.93
CA LEU A 268 26.21 23.15 -14.75
C LEU A 268 26.66 22.61 -16.10
N ASN A 269 25.71 22.51 -17.03
CA ASN A 269 25.96 21.89 -18.32
C ASN A 269 26.45 22.92 -19.34
N LYS A 270 26.92 22.42 -20.49
CA LYS A 270 27.34 23.24 -21.63
C LYS A 270 28.47 24.20 -21.22
N GLN A 271 29.60 23.59 -20.85
CA GLN A 271 30.77 24.36 -20.43
C GLN A 271 31.74 24.64 -21.57
N ASP A 272 31.78 23.80 -22.60
CA ASP A 272 32.68 24.04 -23.72
C ASP A 272 32.32 25.33 -24.45
N LEU A 273 31.02 25.58 -24.63
CA LEU A 273 30.60 26.81 -25.31
C LEU A 273 30.96 28.05 -24.51
N LEU A 274 30.86 27.98 -23.17
CA LEU A 274 31.27 29.12 -22.35
C LEU A 274 32.75 29.41 -22.51
N ALA A 275 33.58 28.37 -22.52
CA ALA A 275 35.02 28.55 -22.69
C ALA A 275 35.34 29.08 -24.09
N GLU A 276 34.57 28.66 -25.09
CA GLU A 276 34.79 29.18 -26.43
C GLU A 276 34.36 30.63 -26.56
N LYS A 277 33.31 31.03 -25.84
CA LYS A 277 32.73 32.36 -25.99
C LYS A 277 33.38 33.41 -25.09
N VAL A 278 34.00 33.02 -23.99
CA VAL A 278 34.65 34.03 -23.14
C VAL A 278 35.79 34.72 -23.88
N LEU A 279 36.50 33.99 -24.74
CA LEU A 279 37.63 34.55 -25.47
C LEU A 279 37.31 34.87 -26.93
N ALA A 280 36.07 34.68 -27.38
CA ALA A 280 35.68 34.96 -28.75
C ALA A 280 35.19 36.39 -28.95
N GLY A 281 35.02 37.15 -27.87
CA GLY A 281 34.56 38.52 -27.98
C GLY A 281 33.09 38.61 -28.38
N LYS A 282 32.70 39.84 -28.72
CA LYS A 282 31.35 40.19 -29.18
C LYS A 282 30.27 39.91 -28.14
N SER A 283 30.65 39.53 -26.92
CA SER A 283 29.69 39.26 -25.86
C SER A 283 30.38 39.25 -24.50
N LYS A 284 29.95 40.14 -23.61
CA LYS A 284 30.53 40.23 -22.27
C LYS A 284 29.41 40.16 -21.24
N ILE A 285 29.54 39.22 -20.29
CA ILE A 285 28.54 39.08 -19.25
C ILE A 285 28.56 40.19 -18.22
N GLU A 286 29.61 41.03 -18.23
CA GLU A 286 29.71 42.09 -17.23
C GLU A 286 28.76 43.24 -17.53
N ASP A 287 28.25 43.31 -18.76
CA ASP A 287 27.39 44.44 -19.15
C ASP A 287 26.11 44.47 -18.33
N TYR A 288 25.47 43.31 -18.17
CA TYR A 288 24.21 43.21 -17.42
C TYR A 288 24.40 42.52 -16.07
N PHE A 289 25.66 42.30 -15.67
CA PHE A 289 25.97 41.77 -14.35
C PHE A 289 27.01 42.67 -13.71
N PRO A 290 26.57 43.78 -13.09
CA PRO A 290 27.55 44.74 -12.53
C PRO A 290 28.40 44.17 -11.42
N GLU A 291 28.00 43.06 -10.79
CA GLU A 291 28.75 42.48 -9.69
C GLU A 291 29.92 41.62 -10.16
N PHE A 292 30.08 41.43 -11.48
CA PHE A 292 31.20 40.65 -11.99
C PHE A 292 32.54 41.33 -11.77
N ALA A 293 32.61 42.65 -11.90
CA ALA A 293 33.88 43.36 -11.73
C ALA A 293 34.38 43.30 -10.29
N ARG A 294 33.50 43.03 -9.34
CA ARG A 294 33.88 42.94 -7.93
C ARG A 294 34.19 41.52 -7.50
N TYR A 295 34.18 40.56 -8.41
CA TYR A 295 34.38 39.15 -8.09
C TYR A 295 35.73 38.68 -8.63
N THR A 296 36.45 37.92 -7.82
CA THR A 296 37.71 37.30 -8.22
C THR A 296 37.65 35.82 -7.87
N THR A 297 38.47 35.03 -8.57
CA THR A 297 38.44 33.59 -8.36
C THR A 297 38.89 33.24 -6.94
N PRO A 298 38.20 32.33 -6.27
CA PRO A 298 38.61 31.94 -4.91
C PRO A 298 39.87 31.07 -4.94
N GLU A 299 40.55 31.04 -3.79
CA GLU A 299 41.72 30.19 -3.64
C GLU A 299 41.37 28.70 -3.61
N ASP A 300 40.10 28.35 -3.43
CA ASP A 300 39.68 26.96 -3.43
C ASP A 300 39.50 26.39 -4.83
N ALA A 301 39.64 27.22 -5.86
CA ALA A 301 39.44 26.76 -7.22
C ALA A 301 40.50 25.74 -7.63
N THR A 302 40.09 24.82 -8.51
CA THR A 302 40.98 23.80 -9.04
C THR A 302 41.33 24.14 -10.48
N PRO A 303 42.60 24.45 -10.79
CA PRO A 303 42.98 24.86 -12.16
C PRO A 303 43.06 23.70 -13.14
N GLU A 304 41.98 22.93 -13.24
CA GLU A 304 41.95 21.82 -14.18
C GLU A 304 41.86 22.22 -15.66
N PRO A 305 41.17 23.30 -16.06
CA PRO A 305 41.22 23.66 -17.49
C PRO A 305 42.61 23.99 -17.99
N GLY A 306 43.42 24.65 -17.18
CA GLY A 306 44.79 24.99 -17.57
C GLY A 306 44.88 25.87 -18.80
N GLU A 307 43.93 26.80 -18.97
CA GLU A 307 43.89 27.65 -20.15
C GLU A 307 44.06 29.13 -19.81
N ASP A 308 43.21 29.67 -18.96
CA ASP A 308 43.12 31.10 -18.71
C ASP A 308 42.26 31.28 -17.47
N PRO A 309 42.64 32.11 -16.50
CA PRO A 309 41.81 32.25 -15.28
C PRO A 309 40.47 32.94 -15.51
N ARG A 310 40.18 33.44 -16.72
CA ARG A 310 38.86 34.02 -16.98
C ARG A 310 37.76 32.96 -16.90
N VAL A 311 38.01 31.76 -17.45
CA VAL A 311 37.01 30.71 -17.38
C VAL A 311 36.80 30.27 -15.93
N THR A 312 37.90 30.17 -15.17
CA THR A 312 37.81 29.85 -13.75
C THR A 312 37.09 30.93 -12.96
N ARG A 313 37.18 32.18 -13.37
CA ARG A 313 36.43 33.26 -12.75
C ARG A 313 34.94 33.15 -13.04
N ALA A 314 34.58 32.96 -14.32
CA ALA A 314 33.17 32.88 -14.69
C ALA A 314 32.50 31.65 -14.10
N LYS A 315 33.18 30.50 -14.14
CA LYS A 315 32.66 29.26 -13.59
C LYS A 315 32.29 29.41 -12.12
N TYR A 316 33.24 29.91 -11.33
CA TYR A 316 32.99 30.06 -9.91
C TYR A 316 32.05 31.22 -9.61
N PHE A 317 31.97 32.23 -10.48
CA PHE A 317 30.96 33.26 -10.31
C PHE A 317 29.56 32.67 -10.40
N ILE A 318 29.28 31.93 -11.47
CA ILE A 318 27.94 31.36 -11.62
C ILE A 318 27.68 30.31 -10.56
N ARG A 319 28.71 29.54 -10.18
CA ARG A 319 28.55 28.55 -9.13
C ARG A 319 28.20 29.20 -7.79
N ASP A 320 28.90 30.29 -7.45
CA ASP A 320 28.62 30.99 -6.20
C ASP A 320 27.25 31.65 -6.23
N GLU A 321 26.83 32.15 -7.40
CA GLU A 321 25.48 32.69 -7.53
C GLU A 321 24.44 31.62 -7.24
N PHE A 322 24.59 30.44 -7.85
CA PHE A 322 23.64 29.36 -7.60
C PHE A 322 23.68 28.91 -6.15
N LEU A 323 24.87 28.86 -5.55
CA LEU A 323 24.96 28.48 -4.13
C LEU A 323 24.25 29.49 -3.24
N ARG A 324 24.52 30.78 -3.42
CA ARG A 324 23.90 31.79 -2.56
C ARG A 324 22.39 31.83 -2.76
N ILE A 325 21.92 31.48 -3.95
CA ILE A 325 20.48 31.28 -4.12
C ILE A 325 20.02 30.04 -3.34
N SER A 326 20.85 29.00 -3.29
CA SER A 326 20.45 27.74 -2.68
C SER A 326 20.49 27.82 -1.16
N THR A 327 21.62 28.22 -0.60
CA THR A 327 21.85 28.13 0.85
C THR A 327 21.25 29.32 1.60
N ALA A 328 19.92 29.40 1.52
CA ALA A 328 19.18 30.42 2.26
C ALA A 328 18.15 29.82 3.20
N SER A 329 17.87 28.52 3.09
CA SER A 329 16.94 27.84 3.97
C SER A 329 17.35 26.38 4.07
N GLY A 330 16.47 25.53 4.59
CA GLY A 330 16.74 24.12 4.67
C GLY A 330 16.79 23.59 6.09
N ASP A 331 17.38 24.38 7.00
CA ASP A 331 17.51 24.02 8.40
C ASP A 331 18.24 22.69 8.58
N GLY A 332 19.26 22.45 7.75
CA GLY A 332 20.08 21.27 7.87
C GLY A 332 19.38 19.97 7.52
N ARG A 333 18.34 20.02 6.69
CA ARG A 333 17.62 18.83 6.29
C ARG A 333 17.90 18.41 4.84
N HIS A 334 18.44 19.30 4.02
CA HIS A 334 18.81 18.96 2.66
C HIS A 334 19.93 19.88 2.20
N TYR A 335 20.68 19.42 1.21
CA TYR A 335 21.87 20.12 0.74
C TYR A 335 21.88 20.16 -0.79
N CYS A 336 22.78 20.97 -1.34
CA CYS A 336 22.99 21.07 -2.77
C CYS A 336 24.43 20.72 -3.09
N TYR A 337 24.63 20.06 -4.24
CA TYR A 337 25.93 19.56 -4.66
C TYR A 337 26.23 20.04 -6.08
N PRO A 338 26.79 21.25 -6.22
CA PRO A 338 27.12 21.75 -7.55
C PRO A 338 28.22 20.92 -8.21
N HIS A 339 28.18 20.88 -9.53
CA HIS A 339 29.15 20.14 -10.31
C HIS A 339 29.42 20.88 -11.62
N PHE A 340 30.57 20.59 -12.21
CA PHE A 340 30.96 21.13 -13.51
C PHE A 340 31.03 19.97 -14.49
N THR A 341 29.99 19.81 -15.30
CA THR A 341 29.87 18.69 -16.21
C THR A 341 29.57 19.19 -17.63
N CYS A 342 29.88 18.35 -18.61
CA CYS A 342 29.59 18.65 -20.01
C CYS A 342 28.51 17.71 -20.53
N SER A 343 27.89 18.11 -21.64
CA SER A 343 26.85 17.28 -22.25
C SER A 343 27.40 15.98 -22.79
N VAL A 344 28.69 15.94 -23.14
CA VAL A 344 29.30 14.74 -23.70
C VAL A 344 30.19 14.08 -22.64
N ASP A 345 29.92 14.37 -21.37
CA ASP A 345 30.71 13.81 -20.29
C ASP A 345 30.39 12.33 -20.11
N THR A 346 31.18 11.65 -19.29
CA THR A 346 31.04 10.22 -19.06
C THR A 346 31.05 9.85 -17.57
N GLU A 347 31.61 10.67 -16.70
CA GLU A 347 31.75 10.34 -15.29
C GLU A 347 30.56 10.79 -14.45
N ASN A 348 29.47 11.22 -15.09
CA ASN A 348 28.28 11.64 -14.34
C ASN A 348 27.71 10.50 -13.50
N ILE A 349 27.88 9.26 -13.97
CA ILE A 349 27.38 8.09 -13.23
C ILE A 349 28.00 8.05 -11.84
N ARG A 350 29.32 8.18 -11.76
CA ARG A 350 29.99 8.16 -10.47
C ARG A 350 29.59 9.35 -9.62
N ARG A 351 29.35 10.51 -10.24
CA ARG A 351 28.89 11.67 -9.49
C ARG A 351 27.56 11.41 -8.81
N VAL A 352 26.58 10.88 -9.56
CA VAL A 352 25.29 10.59 -8.97
C VAL A 352 25.40 9.52 -7.89
N PHE A 353 26.22 8.48 -8.13
CA PHE A 353 26.41 7.44 -7.13
C PHE A 353 26.97 8.01 -5.82
N ASN A 354 28.05 8.80 -5.92
CA ASN A 354 28.68 9.37 -4.74
C ASN A 354 27.81 10.39 -4.04
N ASP A 355 26.99 11.14 -4.77
CA ASP A 355 26.07 12.09 -4.15
C ASP A 355 24.88 11.42 -3.48
N CYS A 356 24.37 10.33 -4.04
CA CYS A 356 23.31 9.59 -3.35
C CYS A 356 23.84 8.89 -2.10
N ARG A 357 25.07 8.37 -2.16
CA ARG A 357 25.66 7.72 -1.00
C ARG A 357 25.73 8.66 0.19
N ASP A 358 26.28 9.86 -0.01
CA ASP A 358 26.39 10.82 1.09
C ASP A 358 25.01 11.29 1.55
N ILE A 359 24.07 11.47 0.62
CA ILE A 359 22.74 11.93 0.98
C ILE A 359 22.07 10.94 1.91
N ILE A 360 22.14 9.64 1.59
CA ILE A 360 21.53 8.64 2.45
C ILE A 360 22.32 8.48 3.76
N GLN A 361 23.65 8.58 3.68
CA GLN A 361 24.48 8.40 4.87
C GLN A 361 24.21 9.48 5.91
N ARG A 362 24.07 10.73 5.47
CA ARG A 362 23.79 11.81 6.41
C ARG A 362 22.42 11.64 7.07
N MET A 363 21.42 11.20 6.31
CA MET A 363 20.11 10.94 6.90
C MET A 363 20.18 9.83 7.94
N HIS A 364 20.91 8.75 7.63
CA HIS A 364 21.05 7.66 8.58
C HIS A 364 21.78 8.12 9.84
N LEU A 365 22.82 8.93 9.68
CA LEU A 365 23.53 9.48 10.84
C LEU A 365 22.64 10.39 11.67
N ARG A 366 21.82 11.22 11.03
CA ARG A 366 20.94 12.13 11.75
C ARG A 366 19.78 11.42 12.44
N GLN A 367 19.37 10.25 11.93
CA GLN A 367 18.26 9.53 12.55
C GLN A 367 18.64 8.98 13.93
N TYR A 368 19.92 8.65 14.14
CA TYR A 368 20.38 8.04 15.38
C TYR A 368 21.09 9.03 16.30
N GLU A 369 20.87 10.32 16.12
CA GLU A 369 21.52 11.37 16.92
C GLU A 369 23.03 11.33 16.82
N LEU A 370 23.57 10.83 15.72
CA LEU A 370 25.01 10.76 15.51
C LEU A 370 25.55 11.96 14.73
N LEU A 371 24.71 12.91 14.37
CA LEU A 371 25.14 14.07 13.61
C LEU A 371 24.48 15.34 14.12
N GLU B 21 -13.52 47.95 -31.39
CA GLU B 21 -12.40 47.84 -30.46
C GLU B 21 -12.66 46.74 -29.43
N LEU B 22 -11.57 46.18 -28.89
CA LEU B 22 -11.71 45.13 -27.89
C LEU B 22 -12.17 45.70 -26.56
N ASP B 23 -11.69 46.89 -26.20
CA ASP B 23 -11.99 47.45 -24.88
C ASP B 23 -13.48 47.72 -24.71
N GLN B 24 -14.12 48.28 -25.73
CA GLN B 24 -15.55 48.60 -25.62
C GLN B 24 -16.38 47.33 -25.49
N LEU B 25 -16.09 46.32 -26.30
CA LEU B 25 -16.82 45.06 -26.21
C LEU B 25 -16.61 44.41 -24.85
N ARG B 26 -15.39 44.43 -24.34
CA ARG B 26 -15.12 43.89 -23.02
C ARG B 26 -15.87 44.67 -21.94
N GLN B 27 -16.02 45.98 -22.10
CA GLN B 27 -16.72 46.74 -21.06
C GLN B 27 -18.22 46.47 -21.10
N GLU B 28 -18.82 46.34 -22.30
CA GLU B 28 -20.22 45.92 -22.31
C GLU B 28 -20.37 44.51 -21.74
N ALA B 29 -19.39 43.63 -21.97
CA ALA B 29 -19.43 42.31 -21.37
C ALA B 29 -19.38 42.39 -19.85
N GLU B 30 -18.57 43.30 -19.31
CA GLU B 30 -18.47 43.39 -17.85
C GLU B 30 -19.72 44.01 -17.24
N GLN B 31 -20.37 44.97 -17.91
CA GLN B 31 -21.67 45.41 -17.40
C GLN B 31 -22.71 44.30 -17.51
N LEU B 32 -22.64 43.47 -18.55
CA LEU B 32 -23.57 42.35 -18.66
C LEU B 32 -23.38 41.37 -17.51
N LYS B 33 -22.13 41.04 -17.18
CA LYS B 33 -21.89 40.13 -16.06
C LYS B 33 -22.25 40.79 -14.73
N ASN B 34 -22.08 42.10 -14.61
CA ASN B 34 -22.49 42.79 -13.40
C ASN B 34 -24.00 42.73 -13.19
N GLN B 35 -24.77 42.99 -14.25
CA GLN B 35 -26.22 42.90 -14.11
C GLN B 35 -26.67 41.45 -13.92
N ILE B 36 -25.95 40.50 -14.49
CA ILE B 36 -26.27 39.09 -14.26
C ILE B 36 -26.09 38.72 -12.80
N ARG B 37 -24.96 39.16 -12.21
CA ARG B 37 -24.74 38.85 -10.79
C ARG B 37 -25.69 39.62 -9.89
N ASP B 38 -26.09 40.83 -10.30
CA ASP B 38 -27.12 41.55 -9.54
C ASP B 38 -28.45 40.81 -9.56
N ALA B 39 -28.84 40.28 -10.73
CA ALA B 39 -30.06 39.49 -10.80
C ALA B 39 -29.94 38.22 -9.96
N ARG B 40 -28.76 37.58 -9.99
CA ARG B 40 -28.55 36.38 -9.19
C ARG B 40 -28.69 36.67 -7.70
N LYS B 41 -28.13 37.79 -7.24
CA LYS B 41 -28.25 38.16 -5.84
C LYS B 41 -29.67 38.60 -5.50
N ALA B 42 -30.42 39.12 -6.48
CA ALA B 42 -31.79 39.51 -6.24
C ALA B 42 -32.76 38.33 -6.29
N CYS B 43 -32.33 37.18 -6.82
CA CYS B 43 -33.16 36.00 -6.88
C CYS B 43 -33.07 35.15 -5.61
N ALA B 44 -32.66 35.75 -4.50
CA ALA B 44 -32.59 35.06 -3.21
C ALA B 44 -33.35 35.89 -2.18
N ASP B 45 -34.13 35.21 -1.34
CA ASP B 45 -34.95 35.88 -0.34
C ASP B 45 -34.60 35.52 1.09
N ALA B 46 -34.39 34.23 1.39
CA ALA B 46 -34.10 33.79 2.74
C ALA B 46 -33.18 32.58 2.70
N THR B 47 -32.25 32.52 3.65
CA THR B 47 -31.35 31.38 3.76
C THR B 47 -32.08 30.17 4.31
N LEU B 48 -31.51 28.99 4.07
CA LEU B 48 -32.10 27.73 4.52
C LEU B 48 -31.75 27.40 5.97
N SER B 49 -30.86 28.17 6.59
CA SER B 49 -30.52 27.91 7.99
C SER B 49 -31.73 28.10 8.90
N GLN B 50 -32.51 29.14 8.66
CA GLN B 50 -33.74 29.33 9.42
C GLN B 50 -34.72 28.20 9.17
N ILE B 51 -34.82 27.73 7.93
CA ILE B 51 -35.64 26.57 7.62
C ILE B 51 -35.05 25.32 8.25
N THR B 52 -33.71 25.23 8.28
CA THR B 52 -33.06 24.08 8.90
C THR B 52 -33.36 24.00 10.40
N ASN B 53 -33.50 25.16 11.06
CA ASN B 53 -33.78 25.20 12.49
C ASN B 53 -35.07 24.47 12.88
N ASN B 54 -35.88 24.06 11.91
CA ASN B 54 -37.13 23.38 12.21
C ASN B 54 -36.96 21.87 12.37
N ILE B 55 -35.73 21.35 12.27
CA ILE B 55 -35.49 19.92 12.31
C ILE B 55 -34.92 19.53 13.67
N ASP B 56 -35.14 18.27 14.04
CA ASP B 56 -34.66 17.65 15.26
C ASP B 56 -33.18 17.28 15.14
N PRO B 57 -32.48 17.10 16.27
CA PRO B 57 -31.06 16.71 16.18
C PRO B 57 -30.85 15.32 15.63
N VAL B 58 -29.62 15.00 15.26
CA VAL B 58 -29.31 13.76 14.56
C VAL B 58 -28.66 12.74 15.47
N GLY B 59 -27.82 13.18 16.41
CA GLY B 59 -27.12 12.25 17.27
C GLY B 59 -25.70 11.98 16.83
N ARG B 60 -24.80 11.74 17.78
CA ARG B 60 -23.39 11.52 17.51
C ARG B 60 -23.07 10.03 17.65
N ILE B 61 -22.27 9.51 16.71
CA ILE B 61 -22.00 8.09 16.59
C ILE B 61 -20.50 7.85 16.59
N GLN B 62 -20.07 6.76 17.23
CA GLN B 62 -18.66 6.38 17.33
C GLN B 62 -18.34 5.14 16.51
N MET B 63 -18.87 5.06 15.27
CA MET B 63 -18.68 3.88 14.43
C MET B 63 -17.21 3.52 14.30
N ARG B 64 -16.92 2.24 14.45
CA ARG B 64 -15.56 1.73 14.56
C ARG B 64 -15.20 0.90 13.33
N THR B 65 -13.90 0.73 13.11
CA THR B 65 -13.41 -0.08 12.00
C THR B 65 -13.85 -1.53 12.17
N ARG B 66 -14.37 -2.11 11.09
CA ARG B 66 -14.77 -3.51 11.07
C ARG B 66 -13.74 -4.42 10.44
N ARG B 67 -13.20 -4.03 9.28
CA ARG B 67 -12.18 -4.81 8.60
C ARG B 67 -11.09 -3.87 8.11
N THR B 68 -9.88 -4.41 7.95
CA THR B 68 -8.74 -3.64 7.50
C THR B 68 -8.03 -4.41 6.39
N LEU B 69 -7.78 -3.72 5.28
CA LEU B 69 -7.13 -4.32 4.11
C LEU B 69 -5.74 -3.71 3.96
N ARG B 70 -4.72 -4.58 3.91
CA ARG B 70 -3.33 -4.15 3.83
C ARG B 70 -2.61 -4.99 2.77
N GLY B 71 -2.66 -4.53 1.53
CA GLY B 71 -2.00 -5.23 0.45
C GLY B 71 -1.00 -4.40 -0.34
N HIS B 72 -1.17 -3.09 -0.33
CA HIS B 72 -0.34 -2.22 -1.14
C HIS B 72 0.97 -1.91 -0.44
N LEU B 73 1.85 -1.21 -1.15
CA LEU B 73 3.16 -0.82 -0.63
C LEU B 73 3.30 0.70 -0.50
N ALA B 74 3.04 1.43 -1.58
CA ALA B 74 3.16 2.88 -1.59
C ALA B 74 1.81 3.50 -1.22
N LYS B 75 1.67 4.81 -1.43
CA LYS B 75 0.44 5.51 -1.09
C LYS B 75 -0.71 5.03 -1.98
N ILE B 76 -1.93 5.23 -1.49
CA ILE B 76 -3.15 4.89 -2.22
C ILE B 76 -3.79 6.19 -2.68
N TYR B 77 -4.07 6.29 -3.98
CA TYR B 77 -4.51 7.54 -4.55
C TYR B 77 -6.00 7.60 -4.88
N ALA B 78 -6.63 6.47 -5.19
CA ALA B 78 -8.04 6.49 -5.57
C ALA B 78 -8.64 5.12 -5.28
N MET B 79 -9.98 5.09 -5.21
CA MET B 79 -10.72 3.87 -5.02
C MET B 79 -12.14 4.07 -5.55
N HIS B 80 -12.82 2.96 -5.83
CA HIS B 80 -14.17 3.02 -6.34
C HIS B 80 -14.93 1.76 -5.93
N TRP B 81 -16.18 1.93 -5.52
CA TRP B 81 -17.02 0.81 -5.12
C TRP B 81 -17.56 0.10 -6.36
N GLY B 82 -18.32 -0.97 -6.12
CA GLY B 82 -18.98 -1.71 -7.17
C GLY B 82 -20.50 -1.56 -7.10
N THR B 83 -21.15 -2.16 -8.10
CA THR B 83 -22.61 -2.12 -8.17
C THR B 83 -23.27 -3.09 -7.20
N ASP B 84 -22.52 -4.04 -6.64
CA ASP B 84 -23.04 -5.00 -5.68
C ASP B 84 -22.85 -4.57 -4.24
N SER B 85 -22.27 -3.40 -4.00
CA SER B 85 -22.09 -2.83 -2.66
C SER B 85 -21.20 -3.70 -1.78
N ARG B 86 -20.44 -4.61 -2.38
CA ARG B 86 -19.48 -5.41 -1.65
C ARG B 86 -18.13 -5.59 -2.35
N LEU B 87 -18.02 -5.22 -3.62
CA LEU B 87 -16.75 -5.25 -4.32
C LEU B 87 -16.22 -3.84 -4.52
N LEU B 88 -14.90 -3.71 -4.46
CA LEU B 88 -14.27 -2.40 -4.61
C LEU B 88 -12.89 -2.59 -5.23
N VAL B 89 -12.41 -1.53 -5.87
CA VAL B 89 -11.09 -1.49 -6.49
C VAL B 89 -10.37 -0.25 -6.00
N SER B 90 -9.05 -0.32 -5.92
CA SER B 90 -8.24 0.79 -5.45
C SER B 90 -6.94 0.84 -6.23
N ALA B 91 -6.35 2.03 -6.32
CA ALA B 91 -5.14 2.26 -7.08
C ALA B 91 -4.07 2.85 -6.15
N SER B 92 -2.83 2.38 -6.33
CA SER B 92 -1.73 2.78 -5.47
C SER B 92 -0.59 3.36 -6.30
N GLN B 93 0.27 4.13 -5.63
CA GLN B 93 1.40 4.74 -6.30
C GLN B 93 2.42 3.71 -6.77
N ASP B 94 2.37 2.49 -6.21
CA ASP B 94 3.31 1.45 -6.63
C ASP B 94 3.16 1.15 -8.11
N GLY B 95 1.93 1.01 -8.60
CA GLY B 95 1.71 0.70 -9.99
C GLY B 95 0.94 -0.59 -10.20
N LYS B 96 0.12 -0.96 -9.23
CA LYS B 96 -0.71 -2.16 -9.30
C LYS B 96 -2.08 -1.85 -8.72
N LEU B 97 -3.09 -2.58 -9.19
CA LEU B 97 -4.44 -2.45 -8.66
C LEU B 97 -4.96 -3.83 -8.29
N ILE B 98 -5.57 -3.94 -7.13
CA ILE B 98 -6.08 -5.21 -6.61
C ILE B 98 -7.53 -5.01 -6.17
N ILE B 99 -8.38 -5.95 -6.54
CA ILE B 99 -9.80 -5.89 -6.25
C ILE B 99 -10.04 -6.66 -4.96
N TRP B 100 -10.52 -5.97 -3.93
CA TRP B 100 -10.78 -6.58 -2.64
C TRP B 100 -12.20 -7.11 -2.56
N ASP B 101 -12.41 -8.04 -1.62
CA ASP B 101 -13.74 -8.50 -1.25
C ASP B 101 -14.03 -7.93 0.14
N SER B 102 -15.03 -7.06 0.22
CA SER B 102 -15.28 -6.32 1.45
C SER B 102 -15.75 -7.20 2.61
N TYR B 103 -16.14 -8.45 2.34
CA TYR B 103 -16.68 -9.29 3.40
C TYR B 103 -15.59 -10.18 4.01
N THR B 104 -14.94 -10.98 3.17
CA THR B 104 -13.94 -11.95 3.62
C THR B 104 -12.51 -11.46 3.43
N THR B 105 -12.33 -10.21 3.03
CA THR B 105 -11.01 -9.60 2.84
C THR B 105 -10.14 -10.45 1.90
N ASN B 106 -10.72 -10.82 0.77
CA ASN B 106 -10.03 -11.63 -0.23
C ASN B 106 -9.63 -10.76 -1.42
N LYS B 107 -8.45 -11.06 -1.98
CA LYS B 107 -7.92 -10.36 -3.14
C LYS B 107 -8.40 -11.10 -4.38
N VAL B 108 -9.48 -10.60 -4.99
CA VAL B 108 -10.08 -11.27 -6.13
C VAL B 108 -9.13 -11.27 -7.33
N HIS B 109 -8.52 -10.12 -7.61
CA HIS B 109 -7.68 -9.97 -8.79
C HIS B 109 -6.51 -9.05 -8.48
N ALA B 110 -5.46 -9.17 -9.28
CA ALA B 110 -4.30 -8.29 -9.20
C ALA B 110 -3.83 -7.98 -10.62
N ILE B 111 -3.68 -6.69 -10.92
CA ILE B 111 -3.29 -6.24 -12.25
C ILE B 111 -2.14 -5.25 -12.12
N PRO B 112 -0.98 -5.52 -12.71
CA PRO B 112 0.11 -4.55 -12.71
C PRO B 112 -0.03 -3.55 -13.85
N LEU B 113 0.27 -2.29 -13.54
CA LEU B 113 0.12 -1.21 -14.51
C LEU B 113 1.42 -1.01 -15.28
N ARG B 114 1.30 -0.34 -16.43
CA ARG B 114 2.47 0.02 -17.24
C ARG B 114 3.09 1.34 -16.82
N SER B 115 2.32 2.23 -16.19
CA SER B 115 2.80 3.50 -15.68
C SER B 115 2.70 3.49 -14.16
N SER B 116 3.79 3.83 -13.49
CA SER B 116 3.83 3.80 -12.04
C SER B 116 3.23 5.03 -11.40
N TRP B 117 2.74 6.01 -12.15
CA TRP B 117 2.17 7.23 -11.61
C TRP B 117 0.72 7.33 -12.06
N VAL B 118 -0.18 6.76 -11.26
CA VAL B 118 -1.61 6.81 -11.52
C VAL B 118 -2.30 7.51 -10.35
N MET B 119 -3.31 8.32 -10.67
CA MET B 119 -4.00 9.08 -9.63
C MET B 119 -5.52 8.98 -9.76
N THR B 120 -6.03 8.00 -10.49
CA THR B 120 -7.47 7.82 -10.61
C THR B 120 -7.77 6.35 -10.86
N CYS B 121 -9.01 5.96 -10.56
CA CYS B 121 -9.46 4.58 -10.77
C CYS B 121 -10.96 4.57 -10.84
N ALA B 122 -11.51 3.69 -11.67
CA ALA B 122 -12.95 3.57 -11.85
C ALA B 122 -13.32 2.10 -12.00
N TYR B 123 -14.59 1.80 -11.74
CA TYR B 123 -15.11 0.45 -11.87
C TYR B 123 -16.41 0.52 -12.66
N ALA B 124 -16.55 -0.34 -13.66
CA ALA B 124 -17.70 -0.26 -14.55
C ALA B 124 -18.99 -0.55 -13.80
N PRO B 125 -20.08 0.13 -14.15
CA PRO B 125 -21.37 -0.17 -13.50
C PRO B 125 -21.84 -1.58 -13.73
N SER B 126 -21.50 -2.18 -14.87
CA SER B 126 -21.86 -3.57 -15.14
C SER B 126 -20.88 -4.57 -14.57
N GLY B 127 -19.82 -4.09 -13.90
CA GLY B 127 -18.83 -4.98 -13.32
C GLY B 127 -18.03 -5.78 -14.33
N ASN B 128 -17.58 -5.14 -15.41
CA ASN B 128 -16.81 -5.81 -16.43
C ASN B 128 -15.55 -5.07 -16.85
N TYR B 129 -15.43 -3.78 -16.54
CA TYR B 129 -14.30 -2.97 -17.00
C TYR B 129 -13.78 -2.13 -15.84
N VAL B 130 -12.50 -1.75 -15.97
CA VAL B 130 -11.86 -0.83 -15.04
C VAL B 130 -11.10 0.21 -15.85
N ALA B 131 -10.81 1.35 -15.22
CA ALA B 131 -10.15 2.46 -15.89
C ALA B 131 -9.00 2.97 -15.03
N CYS B 132 -7.98 3.50 -15.71
CA CYS B 132 -6.80 4.04 -15.05
C CYS B 132 -6.37 5.32 -15.74
N GLY B 133 -5.64 6.16 -15.00
CA GLY B 133 -5.12 7.39 -15.55
C GLY B 133 -4.12 8.07 -14.64
N GLY B 134 -3.19 8.82 -15.23
CA GLY B 134 -2.17 9.50 -14.46
C GLY B 134 -1.33 10.47 -15.28
N LEU B 135 -0.04 10.58 -14.94
CA LEU B 135 0.84 11.50 -15.64
C LEU B 135 1.16 11.05 -17.06
N ASP B 136 0.84 9.81 -17.42
CA ASP B 136 1.13 9.30 -18.76
C ASP B 136 0.20 9.87 -19.82
N ASN B 137 -0.87 10.57 -19.43
CA ASN B 137 -1.85 11.15 -20.35
C ASN B 137 -2.55 10.09 -21.19
N ILE B 138 -2.62 8.86 -20.67
CA ILE B 138 -3.27 7.75 -21.36
C ILE B 138 -4.31 7.14 -20.42
N CYS B 139 -5.44 6.76 -21.00
CA CYS B 139 -6.53 6.14 -20.25
C CYS B 139 -6.61 4.66 -20.62
N SER B 140 -6.35 3.80 -19.65
CA SER B 140 -6.38 2.36 -19.88
C SER B 140 -7.74 1.78 -19.53
N ILE B 141 -8.21 0.84 -20.36
CA ILE B 141 -9.45 0.11 -20.12
C ILE B 141 -9.13 -1.37 -20.25
N TYR B 142 -9.38 -2.11 -19.17
CA TYR B 142 -9.15 -3.55 -19.11
C TYR B 142 -10.46 -4.31 -19.25
N ASN B 143 -10.35 -5.63 -19.40
CA ASN B 143 -11.50 -6.52 -19.51
C ASN B 143 -11.42 -7.55 -18.38
N LEU B 144 -12.23 -7.34 -17.35
CA LEU B 144 -12.19 -8.24 -16.18
C LEU B 144 -12.65 -9.64 -16.54
N LYS B 145 -13.72 -9.76 -17.32
CA LYS B 145 -14.30 -11.06 -17.69
C LYS B 145 -13.93 -11.36 -19.13
N THR B 146 -13.02 -12.31 -19.31
CA THR B 146 -12.55 -12.75 -20.62
C THR B 146 -12.66 -14.26 -20.71
N ARG B 147 -12.29 -14.80 -21.87
CA ARG B 147 -12.22 -16.25 -22.03
C ARG B 147 -11.16 -16.86 -21.13
N GLU B 148 -10.02 -16.18 -21.00
CA GLU B 148 -8.94 -16.61 -20.13
C GLU B 148 -9.12 -16.02 -18.73
N GLY B 149 -8.52 -16.70 -17.75
CA GLY B 149 -8.63 -16.25 -16.37
C GLY B 149 -7.94 -14.93 -16.12
N ASN B 150 -6.78 -14.71 -16.74
CA ASN B 150 -6.03 -13.48 -16.52
C ASN B 150 -6.73 -12.29 -17.16
N VAL B 151 -6.41 -11.11 -16.66
CA VAL B 151 -6.98 -9.86 -17.17
C VAL B 151 -5.98 -9.26 -18.15
N ARG B 152 -6.46 -8.93 -19.35
CA ARG B 152 -5.62 -8.38 -20.41
C ARG B 152 -6.06 -6.97 -20.75
N VAL B 153 -5.11 -6.18 -21.26
CA VAL B 153 -5.42 -4.81 -21.66
C VAL B 153 -6.35 -4.83 -22.86
N SER B 154 -7.46 -4.10 -22.77
CA SER B 154 -8.43 -4.03 -23.85
C SER B 154 -8.20 -2.84 -24.77
N ARG B 155 -8.27 -1.62 -24.23
CA ARG B 155 -8.14 -0.43 -25.06
C ARG B 155 -7.34 0.65 -24.36
N GLU B 156 -6.48 1.33 -25.11
CA GLU B 156 -5.73 2.47 -24.63
C GLU B 156 -6.21 3.72 -25.35
N LEU B 157 -6.57 4.75 -24.59
CA LEU B 157 -7.13 5.98 -25.13
C LEU B 157 -6.09 7.09 -24.97
N ALA B 158 -5.78 7.77 -26.07
CA ALA B 158 -4.81 8.85 -26.10
C ALA B 158 -5.40 10.05 -26.84
N GLY B 159 -4.88 11.24 -26.54
CA GLY B 159 -5.35 12.44 -27.18
C GLY B 159 -5.45 13.62 -26.25
N HIS B 160 -5.15 13.42 -24.98
CA HIS B 160 -5.17 14.47 -23.98
C HIS B 160 -3.75 14.96 -23.69
N THR B 161 -3.54 16.26 -23.83
CA THR B 161 -2.27 16.88 -23.50
C THR B 161 -2.28 17.38 -22.05
N GLY B 162 -2.67 16.47 -21.16
CA GLY B 162 -2.81 16.79 -19.75
C GLY B 162 -2.97 15.56 -18.88
N TYR B 163 -2.45 15.61 -17.66
CA TYR B 163 -2.57 14.47 -16.77
C TYR B 163 -4.02 14.25 -16.36
N LEU B 164 -4.45 12.98 -16.40
CA LEU B 164 -5.81 12.62 -16.08
C LEU B 164 -6.04 12.64 -14.57
N SER B 165 -7.25 13.01 -14.17
CA SER B 165 -7.64 13.07 -12.77
C SER B 165 -8.90 12.29 -12.46
N CYS B 166 -9.85 12.24 -13.39
CA CYS B 166 -11.08 11.48 -13.21
C CYS B 166 -11.39 10.69 -14.48
N CYS B 167 -11.87 9.47 -14.30
CA CYS B 167 -12.19 8.58 -15.40
C CYS B 167 -13.51 7.86 -15.15
N ARG B 168 -14.51 8.60 -14.70
CA ARG B 168 -15.79 8.01 -14.35
C ARG B 168 -16.48 7.40 -15.57
N PHE B 169 -17.11 6.25 -15.36
CA PHE B 169 -17.82 5.55 -16.42
C PHE B 169 -19.22 6.12 -16.59
N LEU B 170 -19.58 6.40 -17.84
CA LEU B 170 -20.94 6.83 -18.17
C LEU B 170 -21.86 5.67 -18.48
N ASP B 171 -21.35 4.64 -19.14
CA ASP B 171 -22.14 3.45 -19.50
C ASP B 171 -21.14 2.34 -19.79
N ASP B 172 -21.63 1.22 -20.32
CA ASP B 172 -20.78 0.11 -20.70
C ASP B 172 -19.89 0.43 -21.90
N ASN B 173 -20.17 1.52 -22.63
CA ASN B 173 -19.37 1.88 -23.78
C ASN B 173 -19.08 3.39 -23.85
N GLN B 174 -19.37 4.14 -22.80
CA GLN B 174 -19.13 5.58 -22.78
C GLN B 174 -18.34 5.93 -21.53
N ILE B 175 -17.23 6.65 -21.71
CA ILE B 175 -16.35 7.05 -20.62
C ILE B 175 -16.12 8.55 -20.70
N VAL B 176 -16.31 9.24 -19.58
CA VAL B 176 -16.01 10.66 -19.47
C VAL B 176 -14.74 10.82 -18.65
N THR B 177 -13.75 11.50 -19.21
CA THR B 177 -12.45 11.64 -18.57
C THR B 177 -12.13 13.12 -18.35
N SER B 178 -11.49 13.40 -17.21
CA SER B 178 -11.02 14.72 -16.87
C SER B 178 -9.50 14.75 -16.94
N SER B 179 -8.95 15.80 -17.55
CA SER B 179 -7.52 15.89 -17.79
C SER B 179 -7.01 17.26 -17.34
N GLY B 180 -5.69 17.36 -17.22
CA GLY B 180 -5.02 18.57 -16.80
C GLY B 180 -4.82 19.61 -17.87
N ASP B 181 -5.29 19.35 -19.10
CA ASP B 181 -5.17 20.30 -20.21
C ASP B 181 -6.35 21.26 -20.27
N THR B 182 -7.03 21.50 -19.15
CA THR B 182 -8.14 22.42 -18.95
C THR B 182 -9.38 22.02 -19.75
N THR B 183 -9.40 20.83 -20.36
CA THR B 183 -10.53 20.41 -21.19
C THR B 183 -10.99 19.02 -20.77
N CYS B 184 -12.30 18.84 -20.75
CA CYS B 184 -12.93 17.54 -20.53
C CYS B 184 -13.56 17.07 -21.84
N ALA B 185 -13.58 15.76 -22.04
CA ALA B 185 -14.08 15.20 -23.30
C ALA B 185 -14.72 13.84 -23.05
N LEU B 186 -15.78 13.56 -23.79
CA LEU B 186 -16.43 12.26 -23.78
C LEU B 186 -15.81 11.37 -24.85
N TRP B 187 -15.64 10.08 -24.53
CA TRP B 187 -14.93 9.16 -25.39
C TRP B 187 -15.84 8.01 -25.82
N ASP B 188 -15.26 7.06 -26.55
CA ASP B 188 -15.97 5.89 -27.03
C ASP B 188 -14.97 4.76 -27.16
N ILE B 189 -15.40 3.52 -26.89
CA ILE B 189 -14.47 2.39 -26.87
C ILE B 189 -14.23 1.86 -28.27
N GLU B 190 -15.30 1.50 -28.98
CA GLU B 190 -15.15 0.77 -30.24
C GLU B 190 -14.45 1.62 -31.30
N THR B 191 -14.84 2.89 -31.43
CA THR B 191 -14.22 3.73 -32.45
C THR B 191 -12.84 4.20 -32.01
N GLY B 192 -12.64 4.39 -30.71
CA GLY B 192 -11.32 4.72 -30.19
C GLY B 192 -10.91 6.16 -30.27
N GLN B 193 -11.83 7.08 -30.57
CA GLN B 193 -11.55 8.51 -30.56
C GLN B 193 -12.62 9.24 -29.79
N GLN B 194 -12.26 10.40 -29.23
CA GLN B 194 -13.21 11.20 -28.48
C GLN B 194 -14.33 11.69 -29.38
N THR B 195 -15.56 11.61 -28.89
CA THR B 195 -16.74 12.02 -29.64
C THR B 195 -17.00 13.52 -29.50
N THR B 196 -17.09 14.00 -28.26
CA THR B 196 -17.34 15.41 -27.99
C THR B 196 -16.27 15.93 -27.05
N THR B 197 -15.96 17.22 -27.19
CA THR B 197 -14.96 17.89 -26.37
C THR B 197 -15.57 19.15 -25.77
N PHE B 198 -15.37 19.33 -24.46
CA PHE B 198 -15.88 20.48 -23.74
C PHE B 198 -14.73 21.36 -23.30
N THR B 199 -14.87 22.67 -23.54
CA THR B 199 -13.83 23.64 -23.21
C THR B 199 -14.47 24.82 -22.48
N GLY B 200 -13.61 25.62 -21.85
CA GLY B 200 -14.08 26.81 -21.16
C GLY B 200 -13.33 27.12 -19.88
N HIS B 201 -12.66 26.11 -19.31
CA HIS B 201 -11.90 26.31 -18.09
C HIS B 201 -10.54 26.91 -18.40
N THR B 202 -10.13 27.87 -17.57
CA THR B 202 -8.80 28.48 -17.69
C THR B 202 -7.74 27.63 -17.02
N GLY B 203 -7.97 27.23 -15.77
CA GLY B 203 -7.07 26.34 -15.07
C GLY B 203 -7.37 24.88 -15.38
N ASP B 204 -6.54 24.02 -14.81
CA ASP B 204 -6.65 22.58 -15.01
C ASP B 204 -7.70 21.99 -14.06
N VAL B 205 -8.57 21.15 -14.62
CA VAL B 205 -9.65 20.52 -13.86
C VAL B 205 -9.15 19.22 -13.27
N MET B 206 -9.59 18.93 -12.03
CA MET B 206 -9.24 17.68 -11.39
C MET B 206 -10.40 17.06 -10.60
N SER B 207 -11.64 17.45 -10.87
CA SER B 207 -12.78 16.89 -10.18
C SER B 207 -13.88 16.63 -11.18
N LEU B 208 -14.68 15.60 -10.90
CA LEU B 208 -15.75 15.19 -11.81
C LEU B 208 -16.74 14.26 -11.12
N SER B 209 -18.02 14.58 -11.20
CA SER B 209 -19.08 13.73 -10.68
C SER B 209 -20.20 13.63 -11.71
N LEU B 210 -20.83 12.47 -11.76
CA LEU B 210 -21.88 12.20 -12.73
C LEU B 210 -23.26 12.39 -12.10
N ALA B 211 -24.30 12.10 -12.85
CA ALA B 211 -25.67 12.24 -12.41
C ALA B 211 -26.36 10.87 -12.38
N PRO B 212 -27.37 10.69 -11.53
CA PRO B 212 -28.08 9.40 -11.50
C PRO B 212 -28.72 9.03 -12.83
N ASP B 213 -29.15 10.01 -13.62
CA ASP B 213 -29.74 9.75 -14.93
C ASP B 213 -28.73 9.79 -16.06
N THR B 214 -27.45 10.03 -15.77
CA THR B 214 -26.37 10.09 -16.75
C THR B 214 -26.72 11.02 -17.91
N ARG B 215 -27.08 12.26 -17.55
CA ARG B 215 -27.41 13.28 -18.53
C ARG B 215 -26.63 14.58 -18.37
N LEU B 216 -26.17 14.91 -17.16
CA LEU B 216 -25.42 16.12 -16.90
C LEU B 216 -24.25 15.78 -15.99
N PHE B 217 -23.31 16.71 -15.86
CA PHE B 217 -22.21 16.52 -14.93
C PHE B 217 -21.65 17.88 -14.55
N VAL B 218 -20.82 17.89 -13.51
CA VAL B 218 -20.20 19.11 -13.00
C VAL B 218 -18.71 18.86 -12.84
N SER B 219 -17.91 19.91 -13.01
CA SER B 219 -16.47 19.82 -12.90
C SER B 219 -15.94 21.05 -12.15
N GLY B 220 -14.78 20.87 -11.53
CA GLY B 220 -14.13 21.96 -10.82
C GLY B 220 -12.67 22.08 -11.25
N ALA B 221 -12.16 23.30 -11.13
CA ALA B 221 -10.80 23.60 -11.55
C ALA B 221 -10.12 24.47 -10.50
N CYS B 222 -8.81 24.67 -10.69
CA CYS B 222 -8.03 25.53 -9.79
C CYS B 222 -8.38 27.00 -9.95
N ASP B 223 -9.13 27.37 -10.99
CA ASP B 223 -9.50 28.76 -11.20
C ASP B 223 -10.65 29.22 -10.31
N ALA B 224 -10.99 28.44 -9.29
CA ALA B 224 -12.03 28.79 -8.31
C ALA B 224 -13.38 28.99 -8.99
N SER B 225 -13.81 27.96 -9.72
CA SER B 225 -15.09 27.99 -10.41
C SER B 225 -15.56 26.57 -10.65
N ALA B 226 -16.87 26.37 -10.58
CA ALA B 226 -17.48 25.07 -10.84
C ALA B 226 -18.41 25.19 -12.04
N LYS B 227 -18.19 24.36 -13.05
CA LYS B 227 -18.95 24.44 -14.29
C LYS B 227 -19.78 23.18 -14.49
N LEU B 228 -21.06 23.39 -14.76
CA LEU B 228 -22.02 22.31 -15.02
C LEU B 228 -22.22 22.21 -16.52
N TRP B 229 -21.97 21.02 -17.07
CA TRP B 229 -22.00 20.76 -18.50
C TRP B 229 -23.00 19.65 -18.79
N ASP B 230 -23.85 19.86 -19.80
CA ASP B 230 -24.76 18.83 -20.27
C ASP B 230 -24.07 17.99 -21.34
N VAL B 231 -24.22 16.67 -21.24
CA VAL B 231 -23.57 15.77 -22.20
C VAL B 231 -24.15 15.97 -23.60
N ARG B 232 -25.47 16.05 -23.72
CA ARG B 232 -26.11 16.17 -25.03
C ARG B 232 -26.02 17.58 -25.60
N GLU B 233 -26.06 18.60 -24.74
CA GLU B 233 -26.05 19.98 -25.23
C GLU B 233 -24.73 20.30 -25.94
N GLY B 234 -23.61 19.85 -25.38
CA GLY B 234 -22.33 19.95 -26.05
C GLY B 234 -21.42 21.06 -25.60
N MET B 235 -21.89 21.97 -24.74
CA MET B 235 -21.05 23.06 -24.26
C MET B 235 -21.49 23.44 -22.85
N CYS B 236 -21.01 24.57 -22.36
CA CYS B 236 -21.25 24.98 -20.98
C CYS B 236 -22.73 25.27 -20.77
N ARG B 237 -23.25 24.83 -19.61
CA ARG B 237 -24.64 25.09 -19.24
C ARG B 237 -24.78 25.97 -18.02
N GLN B 238 -23.92 25.82 -17.01
CA GLN B 238 -23.98 26.65 -15.82
C GLN B 238 -22.58 26.93 -15.31
N THR B 239 -22.41 28.09 -14.67
CA THR B 239 -21.14 28.47 -14.08
C THR B 239 -21.39 29.04 -12.69
N PHE B 240 -20.58 28.59 -11.72
CA PHE B 240 -20.72 28.96 -10.32
C PHE B 240 -19.38 29.47 -9.81
N THR B 241 -19.40 30.62 -9.14
CA THR B 241 -18.21 31.17 -8.50
C THR B 241 -17.85 30.29 -7.31
N GLY B 242 -16.65 29.72 -7.33
CA GLY B 242 -16.25 28.77 -6.31
C GLY B 242 -15.66 29.38 -5.06
N HIS B 243 -14.59 28.77 -4.55
CA HIS B 243 -13.94 29.18 -3.32
C HIS B 243 -12.87 30.21 -3.62
N GLU B 244 -12.01 30.47 -2.63
CA GLU B 244 -10.85 31.34 -2.80
C GLU B 244 -9.57 30.57 -3.10
N SER B 245 -9.69 29.27 -3.39
CA SER B 245 -8.53 28.43 -3.66
C SER B 245 -8.95 27.37 -4.69
N ASP B 246 -8.11 26.35 -4.86
CA ASP B 246 -8.36 25.30 -5.84
C ASP B 246 -9.47 24.38 -5.38
N ILE B 247 -9.95 23.51 -6.28
CA ILE B 247 -10.99 22.54 -5.98
C ILE B 247 -10.33 21.16 -6.00
N ASN B 248 -10.36 20.46 -4.87
CA ASN B 248 -9.68 19.18 -4.78
C ASN B 248 -10.59 17.99 -5.11
N ALA B 249 -11.85 18.03 -4.67
CA ALA B 249 -12.77 16.94 -4.95
C ALA B 249 -14.19 17.48 -5.00
N ILE B 250 -15.06 16.77 -5.72
CA ILE B 250 -16.44 17.17 -5.88
C ILE B 250 -17.32 15.92 -5.78
N CYS B 251 -18.58 16.13 -5.41
CA CYS B 251 -19.53 15.03 -5.30
C CYS B 251 -20.92 15.57 -5.65
N PHE B 252 -21.81 14.66 -6.04
CA PHE B 252 -23.13 15.01 -6.51
C PHE B 252 -24.18 14.43 -5.57
N PHE B 253 -25.16 15.25 -5.20
CA PHE B 253 -26.18 14.83 -4.26
C PHE B 253 -27.02 13.70 -4.87
N PRO B 254 -27.39 12.69 -4.09
CA PRO B 254 -28.20 11.58 -4.66
C PRO B 254 -29.54 12.01 -5.21
N ASN B 255 -30.14 13.08 -4.68
CA ASN B 255 -31.43 13.53 -5.18
C ASN B 255 -31.34 13.96 -6.65
N GLY B 256 -30.29 14.68 -7.00
CA GLY B 256 -30.11 15.15 -8.36
C GLY B 256 -30.32 16.62 -8.58
N ASN B 257 -30.41 17.42 -7.51
CA ASN B 257 -30.63 18.86 -7.67
C ASN B 257 -29.62 19.69 -6.89
N ALA B 258 -28.52 19.11 -6.43
CA ALA B 258 -27.53 19.84 -5.65
C ALA B 258 -26.20 19.09 -5.73
N PHE B 259 -25.14 19.76 -5.29
CA PHE B 259 -23.82 19.14 -5.23
C PHE B 259 -22.97 19.91 -4.23
N ALA B 260 -21.82 19.33 -3.89
CA ALA B 260 -20.91 19.89 -2.90
C ALA B 260 -19.49 19.89 -3.45
N THR B 261 -18.72 20.92 -3.08
CA THR B 261 -17.34 21.09 -3.50
C THR B 261 -16.44 21.26 -2.29
N GLY B 262 -15.22 20.72 -2.41
CA GLY B 262 -14.21 20.85 -1.37
C GLY B 262 -12.94 21.52 -1.88
N SER B 263 -12.35 22.37 -1.07
CA SER B 263 -11.24 23.22 -1.48
C SER B 263 -10.12 23.18 -0.44
N ASP B 264 -9.02 23.85 -0.77
CA ASP B 264 -7.87 23.97 0.12
C ASP B 264 -8.02 25.09 1.14
N ASP B 265 -9.12 25.85 1.09
CA ASP B 265 -9.35 26.95 2.01
C ASP B 265 -9.93 26.45 3.34
N ALA B 266 -9.78 25.16 3.63
CA ALA B 266 -10.23 24.56 4.88
C ALA B 266 -11.74 24.68 5.08
N THR B 267 -12.49 24.76 3.99
CA THR B 267 -13.94 24.86 4.05
C THR B 267 -14.56 24.15 2.86
N CYS B 268 -15.78 23.67 3.04
CA CYS B 268 -16.56 23.04 1.99
C CYS B 268 -17.79 23.87 1.68
N ARG B 269 -18.37 23.65 0.51
CA ARG B 269 -19.59 24.35 0.14
C ARG B 269 -20.53 23.40 -0.57
N LEU B 270 -21.81 23.76 -0.59
CA LEU B 270 -22.77 23.03 -1.41
C LEU B 270 -23.75 24.01 -2.05
N PHE B 271 -24.00 23.78 -3.32
CA PHE B 271 -24.86 24.59 -4.18
C PHE B 271 -25.99 23.72 -4.74
N ASP B 272 -26.96 24.38 -5.37
CA ASP B 272 -28.07 23.70 -6.00
C ASP B 272 -28.13 24.02 -7.49
N LEU B 273 -28.74 23.11 -8.25
CA LEU B 273 -28.79 23.24 -9.71
C LEU B 273 -29.80 24.28 -10.16
N ARG B 274 -30.97 24.33 -9.52
CA ARG B 274 -32.08 25.12 -10.02
C ARG B 274 -31.97 26.61 -9.70
N ALA B 275 -31.41 26.97 -8.55
CA ALA B 275 -31.38 28.36 -8.11
C ALA B 275 -30.10 29.10 -8.50
N ASP B 276 -28.99 28.38 -8.65
CA ASP B 276 -27.74 28.92 -9.21
C ASP B 276 -27.08 29.95 -8.28
N GLN B 277 -26.95 29.60 -6.99
CA GLN B 277 -26.05 30.31 -6.09
C GLN B 277 -25.75 29.43 -4.89
N GLU B 278 -24.90 29.95 -4.01
CA GLU B 278 -24.46 29.19 -2.84
C GLU B 278 -25.62 28.88 -1.90
N LEU B 279 -25.67 27.63 -1.42
CA LEU B 279 -26.62 27.26 -0.38
C LEU B 279 -25.97 27.20 0.99
N MET B 280 -24.96 26.35 1.17
CA MET B 280 -24.41 26.10 2.50
C MET B 280 -22.90 26.08 2.46
N THR B 281 -22.30 26.44 3.59
CA THR B 281 -20.85 26.46 3.77
C THR B 281 -20.50 25.78 5.08
N TYR B 282 -19.49 24.92 5.05
CA TYR B 282 -19.00 24.20 6.23
C TYR B 282 -17.57 24.67 6.52
N SER B 283 -17.36 25.16 7.73
CA SER B 283 -16.04 25.61 8.15
C SER B 283 -15.95 25.60 9.67
N HIS B 284 -14.72 25.59 10.18
CA HIS B 284 -14.48 25.63 11.60
C HIS B 284 -13.14 26.30 11.86
N ASP B 285 -12.98 26.84 13.06
CA ASP B 285 -11.75 27.56 13.39
C ASP B 285 -10.59 26.60 13.61
N ASN B 286 -10.84 25.43 14.19
CA ASN B 286 -9.77 24.49 14.49
C ASN B 286 -9.14 23.94 13.22
N ILE B 287 -9.96 23.61 12.22
CA ILE B 287 -9.44 23.00 11.00
C ILE B 287 -8.78 24.06 10.13
N ILE B 288 -7.55 23.78 9.71
CA ILE B 288 -6.81 24.68 8.83
C ILE B 288 -6.36 24.03 7.53
N CYS B 289 -6.19 22.71 7.48
CA CYS B 289 -5.72 22.03 6.28
C CYS B 289 -6.85 21.95 5.25
N GLY B 290 -6.49 21.51 4.04
CA GLY B 290 -7.39 21.50 2.90
C GLY B 290 -8.15 20.18 2.80
N ILE B 291 -9.35 20.25 2.21
CA ILE B 291 -10.15 19.05 2.01
C ILE B 291 -9.58 18.24 0.84
N THR B 292 -9.58 16.92 0.99
CA THR B 292 -9.09 16.01 -0.03
C THR B 292 -10.18 15.25 -0.77
N SER B 293 -11.26 14.84 -0.09
CA SER B 293 -12.33 14.11 -0.74
C SER B 293 -13.65 14.41 -0.01
N VAL B 294 -14.74 14.34 -0.76
CA VAL B 294 -16.08 14.63 -0.23
C VAL B 294 -17.05 13.59 -0.76
N SER B 295 -17.93 13.10 0.12
CA SER B 295 -18.94 12.13 -0.27
C SER B 295 -20.18 12.32 0.60
N PHE B 296 -21.30 11.81 0.10
CA PHE B 296 -22.58 11.84 0.80
C PHE B 296 -22.95 10.44 1.28
N SER B 297 -24.15 10.31 1.83
CA SER B 297 -24.73 9.04 2.25
C SER B 297 -25.91 8.69 1.36
N LYS B 298 -26.57 7.57 1.67
CA LYS B 298 -27.70 7.13 0.87
C LYS B 298 -28.86 8.12 0.93
N SER B 299 -29.18 8.61 2.12
CA SER B 299 -30.28 9.55 2.30
C SER B 299 -29.84 11.00 2.26
N GLY B 300 -28.54 11.27 2.19
CA GLY B 300 -28.06 12.64 2.17
C GLY B 300 -28.28 13.40 3.45
N ARG B 301 -28.19 12.74 4.60
CA ARG B 301 -28.38 13.40 5.89
C ARG B 301 -27.07 13.86 6.51
N LEU B 302 -25.97 13.16 6.25
CA LEU B 302 -24.67 13.52 6.78
C LEU B 302 -23.66 13.52 5.64
N LEU B 303 -22.71 14.46 5.70
CA LEU B 303 -21.70 14.63 4.67
C LEU B 303 -20.35 14.18 5.21
N LEU B 304 -19.65 13.35 4.43
CA LEU B 304 -18.33 12.86 4.80
C LEU B 304 -17.26 13.65 4.06
N ALA B 305 -16.11 13.81 4.73
CA ALA B 305 -15.01 14.58 4.17
C ALA B 305 -13.70 14.05 4.73
N GLY B 306 -12.62 14.35 4.02
CA GLY B 306 -11.29 13.97 4.45
C GLY B 306 -10.36 15.18 4.48
N TYR B 307 -9.48 15.20 5.48
CA TYR B 307 -8.59 16.32 5.72
C TYR B 307 -7.15 15.83 5.70
N ASP B 308 -6.20 16.77 5.75
CA ASP B 308 -4.80 16.44 5.97
C ASP B 308 -4.49 16.19 7.43
N ASP B 309 -5.43 16.45 8.33
CA ASP B 309 -5.25 16.25 9.76
C ASP B 309 -5.41 14.79 10.18
N PHE B 310 -5.36 13.86 9.22
CA PHE B 310 -5.36 12.41 9.42
C PHE B 310 -6.69 11.87 9.95
N ASN B 311 -7.78 12.63 9.85
CA ASN B 311 -9.07 12.17 10.34
C ASN B 311 -10.14 12.46 9.31
N CYS B 312 -11.11 11.56 9.19
CA CYS B 312 -12.24 11.73 8.28
C CYS B 312 -13.41 12.36 9.03
N ASN B 313 -13.41 13.69 9.03
CA ASN B 313 -14.40 14.47 9.77
C ASN B 313 -15.81 14.23 9.24
N VAL B 314 -16.74 13.90 10.15
CA VAL B 314 -18.13 13.69 9.77
C VAL B 314 -18.90 14.98 10.00
N TRP B 315 -19.65 15.39 8.98
CA TRP B 315 -20.43 16.62 9.03
C TRP B 315 -21.92 16.29 8.95
N ASP B 316 -22.75 17.32 9.13
CA ASP B 316 -24.20 17.20 9.05
C ASP B 316 -24.67 18.04 7.88
N ALA B 317 -25.52 17.45 7.03
CA ALA B 317 -25.91 18.11 5.79
C ALA B 317 -26.84 19.30 6.03
N LEU B 318 -27.42 19.40 7.24
CA LEU B 318 -28.41 20.44 7.52
C LEU B 318 -27.91 21.48 8.51
N LYS B 319 -27.48 21.07 9.70
CA LYS B 319 -27.09 22.05 10.72
C LYS B 319 -25.76 22.70 10.41
N ALA B 320 -24.98 22.10 9.50
CA ALA B 320 -23.62 22.56 9.19
C ALA B 320 -22.74 22.55 10.43
N ASP B 321 -22.81 21.47 11.22
CA ASP B 321 -21.97 21.30 12.39
C ASP B 321 -21.42 19.88 12.41
N ARG B 322 -20.32 19.70 13.16
CA ARG B 322 -19.66 18.42 13.23
C ARG B 322 -20.48 17.42 14.03
N ALA B 323 -20.29 16.14 13.73
CA ALA B 323 -20.95 15.05 14.44
C ALA B 323 -19.98 14.19 15.22
N GLY B 324 -18.96 13.64 14.57
CA GLY B 324 -17.94 12.88 15.25
C GLY B 324 -16.60 13.06 14.57
N VAL B 325 -15.54 12.85 15.37
CA VAL B 325 -14.19 12.98 14.83
C VAL B 325 -13.83 11.80 13.92
N LEU B 326 -14.11 10.58 14.34
CA LEU B 326 -13.91 9.37 13.53
C LEU B 326 -12.49 9.33 12.95
N ALA B 327 -11.51 9.15 13.84
CA ALA B 327 -10.12 9.05 13.42
C ALA B 327 -9.73 7.58 13.25
N GLY B 328 -8.43 7.34 13.04
CA GLY B 328 -7.94 5.98 12.93
C GLY B 328 -6.82 5.78 11.92
N HIS B 329 -6.44 6.83 11.20
CA HIS B 329 -5.37 6.74 10.22
C HIS B 329 -4.12 7.48 10.73
N ASP B 330 -2.98 7.12 10.14
CA ASP B 330 -1.70 7.72 10.52
C ASP B 330 -1.25 8.79 9.54
N ASN B 331 -1.65 8.71 8.27
CA ASN B 331 -1.18 9.65 7.27
C ASN B 331 -2.35 10.32 6.54
N ARG B 332 -2.05 11.08 5.50
CA ARG B 332 -3.06 11.81 4.76
C ARG B 332 -4.05 10.86 4.09
N VAL B 333 -5.33 11.17 4.22
CA VAL B 333 -6.41 10.42 3.59
C VAL B 333 -6.70 11.05 2.23
N SER B 334 -6.86 10.21 1.21
CA SER B 334 -6.99 10.71 -0.16
C SER B 334 -8.29 10.29 -0.84
N CYS B 335 -9.03 9.34 -0.30
CA CYS B 335 -10.25 8.88 -0.97
C CYS B 335 -11.14 8.14 0.03
N LEU B 336 -12.44 8.24 -0.19
CA LEU B 336 -13.43 7.47 0.55
C LEU B 336 -14.69 7.40 -0.29
N GLY B 337 -15.55 6.44 0.05
CA GLY B 337 -16.79 6.27 -0.70
C GLY B 337 -17.77 5.32 -0.03
N VAL B 338 -19.05 5.69 -0.03
CA VAL B 338 -20.07 4.84 0.56
C VAL B 338 -20.61 3.88 -0.50
N THR B 339 -21.23 2.79 -0.02
CA THR B 339 -21.82 1.81 -0.91
C THR B 339 -23.13 2.34 -1.50
N ASP B 340 -23.68 1.59 -2.45
CA ASP B 340 -24.94 1.97 -3.08
C ASP B 340 -26.13 1.83 -2.13
N ASP B 341 -25.97 1.14 -1.00
CA ASP B 341 -27.03 1.00 -0.03
C ASP B 341 -26.70 1.65 1.32
N GLY B 342 -25.58 2.38 1.39
CA GLY B 342 -25.19 3.02 2.64
C GLY B 342 -24.84 2.05 3.75
N MET B 343 -24.16 0.95 3.44
CA MET B 343 -23.82 -0.05 4.44
C MET B 343 -22.44 0.13 5.05
N ALA B 344 -21.48 0.66 4.30
CA ALA B 344 -20.12 0.81 4.80
C ALA B 344 -19.44 1.97 4.10
N VAL B 345 -18.35 2.45 4.71
CA VAL B 345 -17.58 3.56 4.16
C VAL B 345 -16.12 3.15 4.05
N ALA B 346 -15.68 2.79 2.84
CA ALA B 346 -14.27 2.51 2.63
C ALA B 346 -13.48 3.82 2.65
N THR B 347 -12.18 3.71 2.97
CA THR B 347 -11.35 4.89 3.12
C THR B 347 -9.91 4.53 2.80
N GLY B 348 -9.29 5.31 1.92
CA GLY B 348 -7.91 5.10 1.56
C GLY B 348 -7.04 6.27 1.98
N SER B 349 -5.85 5.95 2.47
CA SER B 349 -4.93 6.97 2.94
C SER B 349 -3.54 6.72 2.35
N TRP B 350 -2.59 7.54 2.78
CA TRP B 350 -1.23 7.50 2.26
C TRP B 350 -0.35 6.48 2.97
N ASP B 351 -0.88 5.76 3.96
CA ASP B 351 -0.11 4.72 4.66
C ASP B 351 -0.40 3.33 4.13
N SER B 352 -1.06 3.22 2.98
CA SER B 352 -1.37 1.94 2.34
C SER B 352 -2.20 1.04 3.25
N PHE B 353 -3.19 1.63 3.93
CA PHE B 353 -4.06 0.88 4.84
C PHE B 353 -5.51 1.27 4.57
N LEU B 354 -6.23 0.38 3.87
CA LEU B 354 -7.66 0.56 3.72
C LEU B 354 -8.37 0.21 5.03
N LYS B 355 -9.54 0.83 5.24
CA LYS B 355 -10.24 0.66 6.50
C LYS B 355 -11.75 0.64 6.21
N ILE B 356 -12.37 -0.53 6.37
CA ILE B 356 -13.81 -0.64 6.23
C ILE B 356 -14.47 -0.15 7.52
N TRP B 357 -15.41 0.77 7.37
CA TRP B 357 -16.07 1.44 8.50
C TRP B 357 -17.58 1.23 8.40
N ASN B 358 -18.22 1.19 9.57
CA ASN B 358 -19.65 0.93 9.66
C ASN B 358 -20.26 1.63 10.86
N ASN C 151 17.68 -6.17 61.48
CA ASN C 151 17.46 -4.78 61.85
C ASN C 151 17.32 -3.89 60.62
N ASP C 152 17.94 -2.70 60.68
CA ASP C 152 17.74 -1.68 59.64
C ASP C 152 18.39 -2.08 58.33
N VAL C 153 19.53 -2.77 58.38
CA VAL C 153 20.28 -3.03 57.15
C VAL C 153 19.51 -3.98 56.23
N ARG C 154 19.01 -5.09 56.77
CA ARG C 154 18.26 -6.01 55.92
C ARG C 154 16.97 -5.36 55.39
N ALA C 155 16.32 -4.53 56.22
CA ALA C 155 15.13 -3.83 55.75
C ALA C 155 15.48 -2.89 54.59
N SER C 156 16.61 -2.18 54.70
CA SER C 156 17.03 -1.28 53.62
C SER C 156 17.33 -2.04 52.34
N LEU C 157 18.03 -3.18 52.44
CA LEU C 157 18.27 -3.97 51.24
C LEU C 157 16.98 -4.56 50.66
N TYR C 158 16.03 -4.94 51.52
CA TYR C 158 14.74 -5.41 51.02
C TYR C 158 14.02 -4.30 50.26
N SER C 159 14.05 -3.08 50.79
CA SER C 159 13.42 -1.95 50.10
C SER C 159 14.12 -1.65 48.78
N LEU C 160 15.45 -1.71 48.77
CA LEU C 160 16.18 -1.49 47.51
C LEU C 160 15.80 -2.55 46.49
N MET C 161 15.70 -3.81 46.92
CA MET C 161 15.32 -4.89 46.01
C MET C 161 13.91 -4.69 45.45
N VAL C 162 12.95 -4.33 46.30
CA VAL C 162 11.60 -4.12 45.78
C VAL C 162 11.58 -2.95 44.82
N LEU C 163 12.33 -1.88 45.12
CA LEU C 163 12.36 -0.73 44.21
C LEU C 163 12.92 -1.13 42.85
N ILE C 164 14.05 -1.86 42.85
CA ILE C 164 14.67 -2.26 41.58
C ILE C 164 13.75 -3.18 40.80
N ILE C 165 13.15 -4.17 41.47
CA ILE C 165 12.29 -5.12 40.78
C ILE C 165 11.08 -4.41 40.18
N LEU C 166 10.43 -3.54 40.95
CA LEU C 166 9.28 -2.82 40.43
C LEU C 166 9.65 -1.92 39.27
N THR C 167 10.76 -1.20 39.36
CA THR C 167 11.10 -0.28 38.27
C THR C 167 11.47 -1.03 37.00
N THR C 168 12.20 -2.13 37.11
CA THR C 168 12.54 -2.89 35.90
C THR C 168 11.28 -3.52 35.30
N LEU C 169 10.38 -4.03 36.15
CA LEU C 169 9.15 -4.63 35.63
C LEU C 169 8.31 -3.59 34.89
N VAL C 170 8.14 -2.41 35.48
CA VAL C 170 7.29 -1.41 34.85
C VAL C 170 7.92 -0.88 33.57
N GLY C 171 9.25 -0.71 33.56
CA GLY C 171 9.91 -0.27 32.33
C GLY C 171 9.77 -1.27 31.20
N ASN C 172 10.02 -2.55 31.50
CA ASN C 172 9.89 -3.58 30.47
C ASN C 172 8.45 -3.69 29.98
N LEU C 173 7.48 -3.64 30.91
CA LEU C 173 6.09 -3.73 30.50
C LEU C 173 5.68 -2.55 29.64
N ILE C 174 6.12 -1.34 30.00
CA ILE C 174 5.78 -0.16 29.21
C ILE C 174 6.36 -0.27 27.81
N VAL C 175 7.62 -0.69 27.70
CA VAL C 175 8.24 -0.81 26.38
C VAL C 175 7.52 -1.86 25.55
N ILE C 176 7.20 -3.02 26.15
CA ILE C 176 6.55 -4.09 25.43
C ILE C 176 5.17 -3.65 24.94
N VAL C 177 4.41 -2.98 25.81
CA VAL C 177 3.08 -2.51 25.43
C VAL C 177 3.17 -1.48 24.32
N SER C 178 4.11 -0.54 24.42
CA SER C 178 4.23 0.50 23.41
C SER C 178 4.60 -0.09 22.05
N ILE C 179 5.51 -1.06 22.01
CA ILE C 179 5.91 -1.65 20.75
C ILE C 179 4.90 -2.64 20.20
N SER C 180 4.11 -3.28 21.07
CA SER C 180 3.30 -4.42 20.65
C SER C 180 2.23 -4.04 19.62
N HIS C 181 1.55 -2.92 19.82
CA HIS C 181 0.35 -2.60 19.05
C HIS C 181 0.48 -1.24 18.36
N PHE C 182 1.63 -1.00 17.74
CA PHE C 182 1.85 0.18 16.92
C PHE C 182 2.29 -0.25 15.54
N LYS C 183 1.55 0.18 14.52
CA LYS C 183 1.83 -0.21 13.14
C LYS C 183 2.92 0.63 12.49
N GLN C 184 3.29 1.76 13.09
CA GLN C 184 4.38 2.58 12.59
C GLN C 184 5.71 2.24 13.24
N LEU C 185 5.73 1.29 14.17
CA LEU C 185 6.95 0.85 14.86
C LEU C 185 7.24 -0.61 14.57
N HIS C 186 6.96 -1.05 13.34
CA HIS C 186 7.20 -2.43 12.92
C HIS C 186 8.55 -2.61 12.24
N THR C 187 9.47 -1.69 12.48
CA THR C 187 10.81 -1.82 11.94
C THR C 187 11.51 -3.01 12.58
N PRO C 188 12.31 -3.79 11.82
CA PRO C 188 12.98 -4.96 12.41
C PRO C 188 13.84 -4.65 13.63
N THR C 189 14.51 -3.49 13.65
CA THR C 189 15.25 -3.12 14.85
C THR C 189 14.31 -2.93 16.04
N ASN C 190 13.08 -2.48 15.79
CA ASN C 190 12.10 -2.43 16.86
C ASN C 190 11.71 -3.84 17.33
N TRP C 191 11.71 -4.81 16.43
CA TRP C 191 11.48 -6.20 16.84
C TRP C 191 12.62 -6.69 17.73
N LEU C 192 13.87 -6.35 17.38
CA LEU C 192 15.00 -6.71 18.24
C LEU C 192 14.88 -6.06 19.61
N ILE C 193 14.50 -4.78 19.65
CA ILE C 193 14.31 -4.09 20.92
C ILE C 193 13.20 -4.74 21.73
N HIS C 194 12.12 -5.16 21.07
CA HIS C 194 11.02 -5.83 21.76
C HIS C 194 11.47 -7.15 22.35
N SER C 195 12.28 -7.91 21.59
CA SER C 195 12.81 -9.17 22.12
C SER C 195 13.70 -8.93 23.33
N MET C 196 14.57 -7.91 23.26
CA MET C 196 15.41 -7.58 24.41
C MET C 196 14.58 -7.18 25.61
N ALA C 197 13.52 -6.40 25.39
CA ALA C 197 12.64 -6.01 26.48
C ALA C 197 11.92 -7.21 27.08
N THR C 198 11.52 -8.17 26.24
CA THR C 198 10.90 -9.39 26.75
C THR C 198 11.87 -10.19 27.61
N VAL C 199 13.13 -10.27 27.18
CA VAL C 199 14.14 -10.96 27.97
C VAL C 199 14.31 -10.27 29.32
N ASP C 200 14.39 -8.94 29.31
CA ASP C 200 14.55 -8.19 30.55
C ASP C 200 13.33 -8.35 31.46
N PHE C 201 12.13 -8.40 30.88
CA PHE C 201 10.93 -8.59 31.67
C PHE C 201 10.92 -9.97 32.33
N LEU C 202 11.31 -11.00 31.58
CA LEU C 202 11.40 -12.34 32.15
C LEU C 202 12.42 -12.37 33.28
N LEU C 203 13.56 -11.72 33.10
CA LEU C 203 14.55 -11.66 34.16
C LEU C 203 14.02 -10.95 35.39
N GLY C 204 13.30 -9.83 35.20
CA GLY C 204 12.78 -9.10 36.34
C GLY C 204 11.71 -9.87 37.08
N CYS C 205 10.88 -10.63 36.34
CA CYS C 205 9.74 -11.30 36.95
C CYS C 205 10.07 -12.67 37.51
N LEU C 206 11.12 -13.34 37.03
CA LEU C 206 11.33 -14.74 37.36
C LEU C 206 12.52 -14.99 38.27
N VAL C 207 13.63 -14.29 38.09
CA VAL C 207 14.88 -14.66 38.76
C VAL C 207 15.28 -13.70 39.88
N MET C 208 14.87 -12.44 39.85
CA MET C 208 15.26 -11.50 40.90
C MET C 208 14.54 -11.71 42.22
N PRO C 209 13.24 -12.02 42.26
CA PRO C 209 12.57 -12.19 43.55
C PRO C 209 13.15 -13.30 44.41
N TYR C 210 13.82 -14.29 43.83
CA TYR C 210 14.39 -15.36 44.64
C TYR C 210 15.80 -15.02 45.11
N SER C 211 16.62 -14.42 44.24
CA SER C 211 17.89 -13.86 44.69
C SER C 211 17.68 -12.81 45.76
N MET C 212 16.53 -12.16 45.77
CA MET C 212 16.13 -11.20 46.79
C MET C 212 16.26 -11.77 48.20
N VAL C 213 15.74 -12.98 48.41
CA VAL C 213 15.78 -13.61 49.72
C VAL C 213 17.05 -14.42 49.87
N ARG C 214 17.66 -14.80 48.74
CA ARG C 214 18.93 -15.52 48.80
C ARG C 214 20.03 -14.64 49.37
N SER C 215 20.07 -13.37 48.97
CA SER C 215 21.12 -12.45 49.38
C SER C 215 20.74 -11.62 50.60
N ALA C 216 19.58 -11.87 51.21
CA ALA C 216 19.13 -11.10 52.36
C ALA C 216 19.19 -11.89 53.66
N GLU C 217 18.60 -13.09 53.70
CA GLU C 217 18.60 -13.93 54.89
C GLU C 217 19.76 -14.91 54.91
N HIS C 218 20.60 -14.93 53.87
CA HIS C 218 21.75 -15.82 53.80
C HIS C 218 21.35 -17.28 53.95
N CYS C 219 20.20 -17.63 53.35
CA CYS C 219 19.71 -19.01 53.39
C CYS C 219 18.81 -19.23 52.20
N TRP C 220 18.57 -20.50 51.90
CA TRP C 220 17.76 -20.93 50.74
C TRP C 220 16.63 -21.80 51.25
N TYR C 221 15.46 -21.19 51.48
CA TYR C 221 14.31 -21.94 51.97
C TYR C 221 13.69 -22.80 50.87
N PHE C 222 13.89 -22.41 49.61
CA PHE C 222 13.19 -23.06 48.50
C PHE C 222 13.65 -24.48 48.23
N GLY C 223 14.76 -24.92 48.83
CA GLY C 223 15.22 -26.28 48.67
C GLY C 223 16.32 -26.41 47.63
N GLU C 224 16.81 -27.64 47.49
CA GLU C 224 17.93 -27.94 46.60
C GLU C 224 17.47 -28.32 45.20
N VAL C 225 16.17 -28.21 44.90
CA VAL C 225 15.66 -28.55 43.57
C VAL C 225 15.53 -27.27 42.75
N PHE C 226 15.14 -26.18 43.42
CA PHE C 226 14.98 -24.89 42.72
C PHE C 226 16.31 -24.23 42.42
N CYS C 227 17.36 -24.54 43.19
CA CYS C 227 18.69 -23.98 42.97
C CYS C 227 19.34 -24.52 41.70
N LYS C 228 18.89 -25.65 41.19
CA LYS C 228 19.41 -26.22 39.95
C LYS C 228 18.80 -25.58 38.71
N ILE C 229 17.70 -24.82 38.87
CA ILE C 229 17.10 -24.11 37.74
C ILE C 229 17.26 -22.61 37.86
N HIS C 230 17.38 -22.06 39.07
CA HIS C 230 17.53 -20.62 39.23
C HIS C 230 18.80 -20.11 38.58
N THR C 231 19.93 -20.77 38.85
CA THR C 231 21.21 -20.35 38.28
C THR C 231 21.18 -20.46 36.76
N SER C 232 20.63 -21.56 36.24
CA SER C 232 20.55 -21.74 34.79
C SER C 232 19.69 -20.67 34.14
N THR C 233 18.55 -20.34 34.74
CA THR C 233 17.70 -19.29 34.18
C THR C 233 18.42 -17.94 34.20
N ASP C 234 19.12 -17.69 35.32
CA ASP C 234 19.88 -16.42 35.54
C ASP C 234 21.03 -16.27 34.55
N ILE C 235 21.67 -17.34 34.14
CA ILE C 235 22.72 -17.37 33.13
C ILE C 235 22.13 -17.21 31.74
N MET C 236 21.04 -17.94 31.46
CA MET C 236 20.39 -17.84 30.16
C MET C 236 19.96 -16.42 29.85
N LEU C 237 19.31 -15.77 30.82
CA LEU C 237 18.79 -14.42 30.58
C LEU C 237 19.92 -13.41 30.41
N SER C 238 20.97 -13.50 31.22
CA SER C 238 22.09 -12.59 31.08
C SER C 238 22.77 -12.75 29.72
N SER C 239 23.02 -14.00 29.31
CA SER C 239 23.64 -14.24 28.02
C SER C 239 22.76 -13.76 26.86
N ALA C 240 21.45 -13.97 26.97
CA ALA C 240 20.54 -13.49 25.94
C ALA C 240 20.58 -11.97 25.83
N SER C 241 20.61 -11.27 26.97
CA SER C 241 20.69 -9.81 26.93
C SER C 241 21.98 -9.35 26.28
N ILE C 242 23.10 -9.97 26.63
CA ILE C 242 24.39 -9.58 26.04
C ILE C 242 24.39 -9.81 24.54
N PHE C 243 23.88 -10.98 24.12
CA PHE C 243 23.81 -11.28 22.69
C PHE C 243 22.90 -10.32 21.95
N HIS C 244 21.78 -9.91 22.56
CA HIS C 244 20.90 -8.93 21.93
C HIS C 244 21.59 -7.59 21.76
N LEU C 245 22.34 -7.15 22.77
CA LEU C 245 23.11 -5.91 22.63
C LEU C 245 24.11 -6.01 21.49
N SER C 246 24.83 -7.14 21.40
CA SER C 246 25.80 -7.31 20.32
C SER C 246 25.13 -7.26 18.96
N PHE C 247 23.98 -7.92 18.81
CA PHE C 247 23.28 -7.91 17.53
C PHE C 247 22.76 -6.52 17.17
N ILE C 248 22.30 -5.76 18.17
CA ILE C 248 21.88 -4.39 17.89
C ILE C 248 23.05 -3.56 17.39
N SER C 249 24.22 -3.72 18.02
CA SER C 249 25.40 -2.98 17.56
C SER C 249 25.77 -3.38 16.13
N ILE C 250 25.73 -4.68 15.83
CA ILE C 250 26.03 -5.15 14.48
C ILE C 250 25.06 -4.57 13.45
N ASP C 251 23.76 -4.54 13.79
CA ASP C 251 22.78 -3.95 12.88
C ASP C 251 23.06 -2.47 12.65
N ARG C 252 23.38 -1.73 13.72
CA ARG C 252 23.70 -0.32 13.57
C ARG C 252 24.92 -0.10 12.70
N TYR C 253 25.90 -1.02 12.76
CA TYR C 253 27.09 -0.87 11.94
C TYR C 253 26.76 -0.86 10.46
N TYR C 254 25.95 -1.83 9.99
CA TYR C 254 25.52 -1.83 8.60
C TYR C 254 24.56 -0.70 8.30
N ALA C 255 23.79 -0.24 9.29
CA ALA C 255 22.89 0.88 9.06
C ALA C 255 23.67 2.17 8.77
N VAL C 256 24.81 2.36 9.44
CA VAL C 256 25.58 3.59 9.29
C VAL C 256 26.61 3.49 8.17
N CYS C 257 27.42 2.44 8.15
CA CYS C 257 28.54 2.31 7.23
C CYS C 257 28.11 1.91 5.82
N ASP C 258 26.92 1.34 5.65
CA ASP C 258 26.46 0.90 4.34
C ASP C 258 25.09 1.50 4.05
N PRO C 259 25.04 2.75 3.58
CA PRO C 259 23.73 3.41 3.42
C PRO C 259 22.94 2.96 2.21
N LEU C 260 23.60 2.53 1.13
CA LEU C 260 22.87 2.17 -0.09
C LEU C 260 22.20 0.82 0.04
N ARG C 261 22.98 -0.24 0.25
CA ARG C 261 22.45 -1.59 0.36
C ARG C 261 22.12 -1.95 1.81
N TYR C 262 21.28 -1.13 2.44
CA TYR C 262 20.87 -1.34 3.82
C TYR C 262 19.53 -2.07 3.93
N LYS C 263 18.50 -1.57 3.25
CA LYS C 263 17.19 -2.19 3.30
C LYS C 263 17.15 -3.56 2.64
N ALA C 264 18.11 -3.87 1.77
CA ALA C 264 18.17 -5.15 1.10
C ALA C 264 18.99 -6.19 1.87
N LYS C 265 19.68 -5.78 2.93
CA LYS C 265 20.48 -6.71 3.72
C LYS C 265 20.01 -6.81 5.17
N MET C 266 18.98 -6.06 5.55
CA MET C 266 18.39 -6.12 6.89
C MET C 266 16.87 -6.18 6.75
N ASN C 267 16.35 -7.40 6.64
CA ASN C 267 14.92 -7.63 6.54
C ASN C 267 14.46 -8.47 7.72
N ILE C 268 13.20 -8.88 7.68
CA ILE C 268 12.56 -9.60 8.78
C ILE C 268 13.25 -10.94 9.01
N LEU C 269 13.64 -11.60 7.92
CA LEU C 269 14.21 -12.94 8.02
C LEU C 269 15.53 -12.93 8.80
N VAL C 270 16.41 -11.98 8.48
CA VAL C 270 17.71 -11.91 9.15
C VAL C 270 17.53 -11.59 10.62
N ILE C 271 16.63 -10.66 10.95
CA ILE C 271 16.41 -10.29 12.34
C ILE C 271 15.82 -11.45 13.13
N CYS C 272 14.90 -12.18 12.50
CA CYS C 272 14.34 -13.37 13.15
C CYS C 272 15.41 -14.42 13.39
N VAL C 273 16.33 -14.59 12.42
CA VAL C 273 17.44 -15.52 12.61
C VAL C 273 18.31 -15.09 13.78
N MET C 274 18.60 -13.80 13.88
CA MET C 274 19.40 -13.30 15.00
C MET C 274 18.71 -13.53 16.34
N ILE C 275 17.40 -13.29 16.39
CA ILE C 275 16.65 -13.52 17.63
C ILE C 275 16.68 -14.99 18.01
N PHE C 276 16.50 -15.88 17.02
CA PHE C 276 16.53 -17.31 17.30
C PHE C 276 17.90 -17.73 17.81
N ILE C 277 18.98 -17.21 17.21
CA ILE C 277 20.32 -17.53 17.68
C ILE C 277 20.55 -17.01 19.10
N SER C 278 20.08 -15.79 19.38
CA SER C 278 20.26 -15.22 20.71
C SER C 278 19.48 -15.99 21.76
N TRP C 279 18.35 -16.58 21.38
CA TRP C 279 17.53 -17.32 22.33
C TRP C 279 17.93 -18.78 22.49
N SER C 280 18.55 -19.39 21.47
CA SER C 280 18.79 -20.83 21.51
C SER C 280 20.11 -21.18 22.19
N VAL C 281 21.21 -20.57 21.72
CA VAL C 281 22.54 -20.98 22.20
C VAL C 281 22.70 -20.79 23.70
N PRO C 282 22.34 -19.64 24.30
CA PRO C 282 22.48 -19.54 25.77
C PRO C 282 21.69 -20.59 26.53
N ALA C 283 20.50 -20.96 26.05
CA ALA C 283 19.70 -21.97 26.73
C ALA C 283 20.42 -23.31 26.75
N VAL C 284 20.89 -23.76 25.58
CA VAL C 284 21.60 -25.04 25.49
C VAL C 284 22.85 -25.00 26.36
N PHE C 285 23.61 -23.92 26.27
CA PHE C 285 24.85 -23.81 27.03
C PHE C 285 24.58 -23.90 28.53
N ALA C 286 23.67 -23.08 29.04
CA ALA C 286 23.40 -23.06 30.47
C ALA C 286 22.84 -24.39 30.95
N PHE C 287 21.89 -24.96 30.21
CA PHE C 287 21.28 -26.21 30.65
C PHE C 287 22.28 -27.36 30.64
N GLY C 288 23.07 -27.49 29.57
CA GLY C 288 24.06 -28.54 29.51
C GLY C 288 25.27 -28.33 30.39
N MET C 289 25.48 -27.12 30.89
CA MET C 289 26.56 -26.88 31.84
C MET C 289 26.13 -27.04 33.29
N ILE C 290 24.85 -26.79 33.60
CA ILE C 290 24.38 -26.91 34.98
C ILE C 290 23.82 -28.29 35.25
N PHE C 291 22.91 -28.76 34.39
CA PHE C 291 22.18 -30.01 34.67
C PHE C 291 23.00 -31.25 34.36
N LEU C 292 24.14 -31.11 33.68
CA LEU C 292 24.94 -32.27 33.31
C LEU C 292 26.24 -32.37 34.11
N GLU C 293 26.39 -31.52 35.14
CA GLU C 293 27.54 -31.54 36.05
C GLU C 293 28.86 -31.37 35.29
N LEU C 294 29.01 -30.18 34.70
CA LEU C 294 30.30 -29.77 34.13
C LEU C 294 30.88 -28.53 34.78
N ASN C 295 30.08 -27.72 35.48
CA ASN C 295 30.61 -26.50 36.09
C ASN C 295 31.64 -26.82 37.18
N PHE C 296 31.35 -27.82 38.01
CA PHE C 296 32.24 -28.18 39.11
C PHE C 296 33.01 -29.48 38.88
N LYS C 297 32.87 -30.08 37.70
CA LYS C 297 33.57 -31.34 37.41
C LYS C 297 35.06 -31.06 37.28
N GLY C 298 35.83 -31.47 38.28
CA GLY C 298 37.26 -31.23 38.29
C GLY C 298 37.77 -30.87 39.67
N ALA C 299 36.85 -30.43 40.54
CA ALA C 299 37.18 -30.09 41.92
C ALA C 299 35.97 -30.44 42.77
N GLU C 300 36.03 -31.60 43.43
CA GLU C 300 34.86 -32.10 44.15
C GLU C 300 34.82 -31.57 45.59
N GLU C 301 35.91 -31.76 46.34
CA GLU C 301 35.94 -31.29 47.72
C GLU C 301 35.92 -29.77 47.79
N ILE C 302 36.61 -29.11 46.85
CA ILE C 302 36.58 -27.65 46.80
C ILE C 302 35.18 -27.15 46.50
N TYR C 303 34.41 -27.89 45.70
CA TYR C 303 33.03 -27.52 45.43
C TYR C 303 32.22 -27.44 46.71
N TYR C 304 32.26 -28.49 47.52
CA TYR C 304 31.50 -28.48 48.78
C TYR C 304 32.05 -27.45 49.75
N LYS C 305 33.38 -27.26 49.77
CA LYS C 305 33.94 -26.23 50.65
C LYS C 305 33.44 -24.84 50.27
N HIS C 306 33.29 -24.56 48.97
CA HIS C 306 32.81 -23.26 48.54
C HIS C 306 31.31 -23.11 48.75
N VAL C 307 30.55 -24.19 48.53
CA VAL C 307 29.10 -24.13 48.66
C VAL C 307 28.72 -24.32 50.13
N HIS C 308 29.73 -24.43 50.99
CA HIS C 308 29.47 -24.35 52.43
C HIS C 308 29.27 -22.88 52.81
N CYS C 309 28.29 -22.24 52.18
CA CYS C 309 28.08 -20.81 52.31
C CYS C 309 26.57 -20.57 52.35
N ARG C 310 26.17 -19.32 52.10
CA ARG C 310 24.77 -18.89 52.20
C ARG C 310 23.82 -19.80 51.44
N GLY C 311 22.93 -20.48 52.16
CA GLY C 311 21.88 -21.28 51.57
C GLY C 311 22.31 -22.43 50.68
N GLY C 312 23.61 -22.65 50.54
CA GLY C 312 24.11 -23.72 49.69
C GLY C 312 23.71 -23.59 48.24
N CYS C 313 23.45 -22.36 47.80
CA CYS C 313 23.05 -22.09 46.42
C CYS C 313 24.09 -21.25 45.67
N SER C 314 25.34 -21.26 46.14
CA SER C 314 26.38 -20.48 45.51
C SER C 314 26.77 -21.08 44.16
N VAL C 315 27.47 -20.29 43.36
CA VAL C 315 27.91 -20.69 42.02
C VAL C 315 29.42 -20.88 42.07
N PHE C 316 29.88 -22.04 41.63
CA PHE C 316 31.29 -22.39 41.62
C PHE C 316 31.75 -22.67 40.20
N PHE C 317 32.93 -22.13 39.85
CA PHE C 317 33.50 -22.30 38.52
C PHE C 317 34.94 -22.77 38.65
N SER C 318 35.33 -23.68 37.77
CA SER C 318 36.70 -24.18 37.72
C SER C 318 37.54 -23.27 36.83
N LYS C 319 38.76 -23.70 36.51
CA LYS C 319 39.63 -22.91 35.65
C LYS C 319 39.11 -22.88 34.22
N ILE C 320 38.97 -24.06 33.61
CA ILE C 320 38.54 -24.13 32.22
C ILE C 320 37.13 -23.59 32.06
N SER C 321 36.23 -23.95 32.98
CA SER C 321 34.86 -23.45 32.90
C SER C 321 34.81 -21.93 32.98
N GLY C 322 35.57 -21.34 33.91
CA GLY C 322 35.60 -19.90 34.01
C GLY C 322 36.19 -19.23 32.79
N VAL C 323 37.27 -19.81 32.24
CA VAL C 323 37.90 -19.23 31.05
C VAL C 323 36.94 -19.24 29.87
N LEU C 324 36.27 -20.39 29.64
CA LEU C 324 35.31 -20.48 28.55
C LEU C 324 34.07 -19.63 28.79
N THR C 325 33.65 -19.43 30.04
CA THR C 325 32.55 -18.52 30.30
C THR C 325 32.93 -17.08 30.00
N PHE C 326 34.13 -16.66 30.41
CA PHE C 326 34.59 -15.31 30.12
C PHE C 326 34.77 -15.06 28.63
N MET C 327 35.32 -16.05 27.91
CA MET C 327 35.67 -15.84 26.51
C MET C 327 34.43 -15.73 25.63
N THR C 328 33.46 -16.65 25.81
CA THR C 328 32.36 -16.75 24.86
C THR C 328 31.18 -15.87 25.22
N SER C 329 31.19 -15.23 26.39
CA SER C 329 30.03 -14.47 26.84
C SER C 329 30.28 -12.98 27.01
N PHE C 330 31.54 -12.54 27.14
CA PHE C 330 31.80 -11.13 27.38
C PHE C 330 32.86 -10.56 26.46
N TYR C 331 33.75 -11.40 25.94
CA TYR C 331 34.87 -10.90 25.16
C TYR C 331 34.45 -10.52 23.74
N ILE C 332 33.84 -11.45 23.01
CA ILE C 332 33.48 -11.25 21.62
C ILE C 332 32.47 -10.11 21.47
N PRO C 333 31.36 -10.08 22.21
CA PRO C 333 30.44 -8.93 22.08
C PRO C 333 31.09 -7.60 22.45
N GLY C 334 31.97 -7.60 23.46
CA GLY C 334 32.64 -6.36 23.83
C GLY C 334 33.55 -5.85 22.73
N SER C 335 34.34 -6.75 22.13
CA SER C 335 35.22 -6.35 21.03
C SER C 335 34.40 -5.88 19.83
N ILE C 336 33.30 -6.57 19.52
CA ILE C 336 32.47 -6.17 18.39
C ILE C 336 31.91 -4.78 18.62
N MET C 337 31.40 -4.52 19.82
CA MET C 337 30.87 -3.19 20.13
C MET C 337 31.97 -2.13 20.08
N LEU C 338 33.15 -2.45 20.59
CA LEU C 338 34.29 -1.53 20.50
C LEU C 338 34.56 -1.12 19.06
N CYS C 339 34.71 -2.11 18.18
CA CYS C 339 35.04 -1.81 16.79
C CYS C 339 33.93 -1.05 16.10
N VAL C 340 32.67 -1.49 16.28
CA VAL C 340 31.55 -0.86 15.60
C VAL C 340 31.41 0.59 16.03
N TYR C 341 31.43 0.84 17.34
CA TYR C 341 31.25 2.19 17.83
C TYR C 341 32.44 3.09 17.53
N TYR C 342 33.66 2.55 17.50
CA TYR C 342 34.80 3.37 17.09
C TYR C 342 34.68 3.79 15.64
N ARG C 343 34.30 2.86 14.76
CA ARG C 343 34.13 3.20 13.35
C ARG C 343 33.03 4.23 13.17
N ILE C 344 31.90 4.05 13.87
CA ILE C 344 30.81 5.01 13.77
C ILE C 344 31.24 6.37 14.30
N TYR C 345 32.02 6.39 15.38
CA TYR C 345 32.53 7.65 15.91
C TYR C 345 33.40 8.37 14.88
N LEU C 346 34.30 7.63 14.22
CA LEU C 346 35.16 8.26 13.23
C LEU C 346 34.35 8.82 12.06
N ILE C 347 33.39 8.04 11.56
CA ILE C 347 32.58 8.48 10.43
C ILE C 347 31.76 9.71 10.79
N ALA C 348 31.11 9.68 11.96
CA ALA C 348 30.32 10.82 12.39
C ALA C 348 31.19 12.06 12.60
N LYS C 349 32.38 11.88 13.19
CA LYS C 349 33.27 13.02 13.40
C LYS C 349 33.67 13.65 12.08
N GLU C 350 34.07 12.84 11.09
CA GLU C 350 34.50 13.42 9.83
C GLU C 350 33.35 14.08 9.09
N GLN C 351 32.16 13.47 9.12
CA GLN C 351 31.01 14.09 8.45
C GLN C 351 30.63 15.41 9.11
N ALA C 352 30.58 15.44 10.44
CA ALA C 352 30.24 16.68 11.14
C ALA C 352 31.30 17.74 10.91
N ARG C 353 32.58 17.34 10.87
CA ARG C 353 33.64 18.28 10.60
C ARG C 353 33.48 18.91 9.22
N LEU C 354 33.19 18.09 8.21
CA LEU C 354 33.00 18.62 6.87
C LEU C 354 31.81 19.57 6.81
N ILE C 355 30.69 19.18 7.43
CA ILE C 355 29.49 20.01 7.39
C ILE C 355 29.74 21.34 8.09
N SER C 356 30.37 21.29 9.27
CA SER C 356 30.64 22.52 10.02
C SER C 356 31.61 23.42 9.28
N ASP C 357 32.65 22.84 8.67
CA ASP C 357 33.59 23.65 7.90
C ASP C 357 32.91 24.33 6.72
N ALA C 358 32.06 23.59 6.00
CA ALA C 358 31.34 24.19 4.88
C ALA C 358 30.44 25.33 5.36
N ASN C 359 29.70 25.09 6.44
CA ASN C 359 28.77 26.11 6.94
C ASN C 359 29.52 27.35 7.41
N GLN C 360 30.66 27.17 8.09
CA GLN C 360 31.41 28.30 8.60
C GLN C 360 32.10 29.07 7.47
N LYS C 361 32.65 28.36 6.49
CA LYS C 361 33.29 29.03 5.36
C LYS C 361 32.26 29.73 4.48
N LEU C 362 31.01 29.28 4.49
CA LEU C 362 29.96 30.00 3.79
C LEU C 362 29.72 31.37 4.39
N GLN C 363 29.70 31.44 5.72
CA GLN C 363 29.48 32.71 6.41
C GLN C 363 30.81 33.38 6.75
N GLU C 377 32.34 17.90 17.87
CA GLU C 377 31.58 16.67 18.07
C GLU C 377 30.92 16.66 19.44
N ARG C 378 29.59 16.79 19.45
CA ARG C 378 28.86 16.79 20.72
C ARG C 378 27.92 15.58 20.81
N LYS C 379 27.03 15.44 19.82
CA LYS C 379 25.99 14.42 19.91
C LYS C 379 26.57 13.01 19.80
N ALA C 380 27.48 12.80 18.85
CA ALA C 380 28.04 11.47 18.66
C ALA C 380 28.80 11.00 19.89
N VAL C 381 29.69 11.85 20.42
CA VAL C 381 30.47 11.48 21.59
C VAL C 381 29.55 11.28 22.78
N LYS C 382 28.57 12.17 22.96
CA LYS C 382 27.65 12.04 24.08
C LYS C 382 26.93 10.70 24.05
N THR C 383 26.31 10.37 22.90
CA THR C 383 25.53 9.15 22.80
C THR C 383 26.41 7.91 22.96
N LEU C 384 27.52 7.86 22.22
CA LEU C 384 28.38 6.67 22.29
C LEU C 384 28.97 6.48 23.67
N GLY C 385 29.44 7.56 24.31
CA GLY C 385 29.99 7.47 25.64
C GLY C 385 28.95 7.02 26.64
N ILE C 386 27.74 7.57 26.57
CA ILE C 386 26.69 7.16 27.49
C ILE C 386 26.39 5.67 27.34
N VAL C 387 26.20 5.22 26.09
CA VAL C 387 25.83 3.82 25.86
C VAL C 387 26.93 2.90 26.34
N MET C 388 28.18 3.18 25.95
CA MET C 388 29.28 2.28 26.29
C MET C 388 29.60 2.31 27.78
N GLY C 389 29.49 3.47 28.43
CA GLY C 389 29.69 3.52 29.86
C GLY C 389 28.62 2.74 30.61
N VAL C 390 27.37 2.87 30.18
CA VAL C 390 26.29 2.12 30.81
C VAL C 390 26.53 0.62 30.66
N PHE C 391 26.98 0.19 29.48
CA PHE C 391 27.25 -1.24 29.29
C PHE C 391 28.44 -1.71 30.13
N LEU C 392 29.54 -0.96 30.11
CA LEU C 392 30.79 -1.46 30.66
C LEU C 392 30.84 -1.36 32.17
N ILE C 393 30.18 -0.34 32.76
CA ILE C 393 30.35 -0.06 34.19
C ILE C 393 29.85 -1.19 35.07
N CYS C 394 29.03 -2.09 34.55
CA CYS C 394 28.40 -3.13 35.38
C CYS C 394 28.94 -4.52 35.12
N TRP C 395 28.90 -4.99 33.86
CA TRP C 395 29.30 -6.36 33.57
C TRP C 395 30.81 -6.57 33.65
N CYS C 396 31.61 -5.57 33.29
CA CYS C 396 33.06 -5.77 33.24
C CYS C 396 33.67 -6.11 34.60
N PRO C 397 33.42 -5.35 35.68
CA PRO C 397 34.01 -5.76 36.98
C PRO C 397 33.54 -7.14 37.42
N PHE C 398 32.27 -7.46 37.19
CA PHE C 398 31.76 -8.77 37.61
C PHE C 398 32.47 -9.89 36.87
N PHE C 399 32.62 -9.74 35.55
CA PHE C 399 33.29 -10.79 34.79
C PHE C 399 34.78 -10.88 35.14
N ILE C 400 35.44 -9.75 35.38
CA ILE C 400 36.86 -9.80 35.75
C ILE C 400 37.02 -10.53 37.08
N CYS C 401 36.19 -10.21 38.07
CA CYS C 401 36.28 -10.90 39.35
C CYS C 401 35.95 -12.38 39.20
N THR C 402 34.94 -12.71 38.39
CA THR C 402 34.55 -14.11 38.21
C THR C 402 35.66 -14.92 37.55
N VAL C 403 36.37 -14.34 36.59
CA VAL C 403 37.44 -15.09 35.95
C VAL C 403 38.71 -15.10 36.80
N MET C 404 38.93 -14.07 37.62
CA MET C 404 40.11 -14.02 38.47
C MET C 404 40.02 -14.92 39.69
N ASP C 405 38.81 -15.17 40.19
CA ASP C 405 38.65 -15.97 41.41
C ASP C 405 39.25 -17.37 41.30
N PRO C 406 38.97 -18.15 40.25
CA PRO C 406 39.55 -19.51 40.20
C PRO C 406 41.07 -19.51 40.16
N PHE C 407 41.70 -18.54 39.49
CA PHE C 407 43.16 -18.54 39.39
C PHE C 407 43.81 -18.23 40.73
N LEU C 408 43.17 -17.39 41.54
CA LEU C 408 43.70 -17.07 42.86
C LEU C 408 43.31 -18.17 43.84
N HIS C 409 43.50 -17.91 45.13
CA HIS C 409 43.18 -18.89 46.18
C HIS C 409 41.75 -18.71 46.72
N TYR C 410 40.85 -18.22 45.87
CA TYR C 410 39.43 -18.05 46.19
C TYR C 410 39.20 -17.14 47.40
N ILE C 411 40.05 -16.13 47.58
CA ILE C 411 39.88 -15.17 48.66
C ILE C 411 38.99 -14.01 48.18
N ILE C 412 37.74 -14.00 48.63
CA ILE C 412 36.79 -12.98 48.23
C ILE C 412 35.62 -12.98 49.21
N PRO C 413 35.16 -11.81 49.67
CA PRO C 413 34.00 -11.77 50.57
C PRO C 413 32.72 -12.06 49.83
N PRO C 414 31.78 -12.78 50.44
CA PRO C 414 30.49 -13.03 49.78
C PRO C 414 29.70 -11.75 49.51
N THR C 415 29.89 -10.70 50.32
CA THR C 415 29.18 -9.45 50.09
C THR C 415 29.59 -8.84 48.75
N LEU C 416 30.86 -8.94 48.38
CA LEU C 416 31.29 -8.48 47.07
C LEU C 416 30.62 -9.27 45.96
N ASN C 417 30.58 -10.59 46.10
CA ASN C 417 29.89 -11.41 45.09
C ASN C 417 28.41 -11.06 45.00
N ASP C 418 27.81 -10.60 46.10
CA ASP C 418 26.42 -10.13 46.04
C ASP C 418 26.31 -8.80 45.32
N VAL C 419 27.19 -7.84 45.64
CA VAL C 419 27.01 -6.49 45.11
C VAL C 419 27.29 -6.45 43.62
N LEU C 420 28.20 -7.29 43.13
CA LEU C 420 28.45 -7.32 41.69
C LEU C 420 27.27 -7.90 40.91
N ILE C 421 26.63 -8.96 41.42
CA ILE C 421 25.45 -9.47 40.73
C ILE C 421 24.29 -8.48 40.84
N TRP C 422 24.25 -7.72 41.94
CA TRP C 422 23.24 -6.66 42.01
C TRP C 422 23.52 -5.54 41.02
N PHE C 423 24.79 -5.25 40.76
CA PHE C 423 25.14 -4.30 39.70
C PHE C 423 24.72 -4.83 38.33
N GLY C 424 24.90 -6.12 38.10
CA GLY C 424 24.42 -6.71 36.86
C GLY C 424 22.91 -6.58 36.70
N TYR C 425 22.17 -6.84 37.78
CA TYR C 425 20.72 -6.65 37.75
C TYR C 425 20.37 -5.18 37.52
N LEU C 426 21.13 -4.26 38.10
CA LEU C 426 20.90 -2.84 37.86
C LEU C 426 21.11 -2.49 36.39
N ASN C 427 22.13 -3.07 35.76
CA ASN C 427 22.33 -2.86 34.33
C ASN C 427 21.16 -3.40 33.53
N SER C 428 20.66 -4.59 33.89
CA SER C 428 19.47 -5.12 33.22
C SER C 428 18.28 -4.19 33.39
N THR C 429 18.14 -3.57 34.57
CA THR C 429 17.08 -2.60 34.80
C THR C 429 17.25 -1.36 33.93
N PHE C 430 18.49 -0.88 33.79
CA PHE C 430 18.77 0.34 33.05
C PHE C 430 18.76 0.14 31.54
N ASN C 431 18.83 -1.11 31.07
CA ASN C 431 18.89 -1.36 29.64
C ASN C 431 17.75 -0.75 28.82
N PRO C 432 16.46 -0.91 29.18
CA PRO C 432 15.41 -0.40 28.29
C PRO C 432 15.42 1.11 28.11
N MET C 433 15.84 1.88 29.12
CA MET C 433 15.81 3.34 29.05
C MET C 433 17.04 3.91 28.33
N VAL C 434 17.77 3.07 27.60
CA VAL C 434 18.90 3.55 26.80
C VAL C 434 18.67 3.36 25.31
N TYR C 435 17.93 2.34 24.88
CA TYR C 435 17.67 2.10 23.47
C TYR C 435 16.25 2.43 23.03
N ALA C 436 15.36 2.77 23.95
CA ALA C 436 13.98 3.07 23.60
C ALA C 436 13.53 4.45 24.05
N PHE C 437 13.91 4.88 25.25
CA PHE C 437 13.49 6.16 25.79
C PHE C 437 14.47 7.29 25.47
N PHE C 438 15.50 7.01 24.68
CA PHE C 438 16.49 8.01 24.33
C PHE C 438 16.30 8.60 22.93
N TYR C 439 15.50 7.95 22.07
CA TYR C 439 15.31 8.44 20.71
C TYR C 439 14.01 9.21 20.58
N PRO C 440 13.99 10.29 19.80
CA PRO C 440 12.78 11.13 19.73
C PRO C 440 11.55 10.42 19.20
N TRP C 441 11.70 9.48 18.26
CA TRP C 441 10.52 8.91 17.61
C TRP C 441 9.73 8.03 18.57
N PHE C 442 10.41 7.29 19.43
CA PHE C 442 9.71 6.47 20.42
C PHE C 442 9.02 7.35 21.45
N ARG C 443 9.68 8.43 21.88
CA ARG C 443 9.05 9.35 22.83
C ARG C 443 7.81 10.00 22.22
N LYS C 444 7.88 10.39 20.95
CA LYS C 444 6.72 10.97 20.28
C LYS C 444 5.59 9.95 20.15
N ALA C 445 5.93 8.70 19.81
CA ALA C 445 4.91 7.66 19.72
C ALA C 445 4.25 7.42 21.07
N LEU C 446 5.03 7.41 22.15
CA LEU C 446 4.47 7.23 23.49
C LEU C 446 3.59 8.42 23.88
N LYS C 447 4.02 9.64 23.55
CA LYS C 447 3.23 10.82 23.90
C LYS C 447 1.94 10.88 23.10
N MET C 448 1.94 10.30 21.89
CA MET C 448 0.73 10.31 21.07
C MET C 448 -0.41 9.56 21.74
N MET C 449 -0.10 8.42 22.38
CA MET C 449 -1.09 7.62 23.09
C MET C 449 -2.25 7.21 22.19
N VAL D 2 -9.77 -22.04 -26.69
CA VAL D 2 -9.65 -22.99 -25.59
C VAL D 2 -9.72 -24.42 -26.12
N GLN D 3 -8.64 -25.17 -25.96
CA GLN D 3 -8.56 -26.54 -26.44
C GLN D 3 -7.99 -27.44 -25.35
N LEU D 4 -8.62 -28.59 -25.16
CA LEU D 4 -8.15 -29.61 -24.23
C LEU D 4 -7.97 -30.90 -25.00
N VAL D 5 -6.77 -31.48 -24.92
CA VAL D 5 -6.43 -32.71 -25.63
C VAL D 5 -6.11 -33.79 -24.61
N GLU D 6 -6.82 -34.90 -24.68
CA GLU D 6 -6.64 -36.01 -23.74
C GLU D 6 -6.03 -37.21 -24.45
N SER D 7 -5.06 -37.83 -23.78
CA SER D 7 -4.35 -38.98 -24.34
C SER D 7 -4.22 -40.07 -23.28
N GLY D 8 -4.20 -41.31 -23.74
CA GLY D 8 -4.12 -42.47 -22.87
C GLY D 8 -5.33 -43.37 -23.04
N GLY D 9 -5.48 -44.28 -22.08
CA GLY D 9 -6.64 -45.16 -22.03
C GLY D 9 -6.51 -46.37 -22.93
N GLY D 10 -7.57 -47.16 -22.96
CA GLY D 10 -7.62 -48.35 -23.77
C GLY D 10 -7.94 -49.61 -23.00
N LEU D 11 -7.27 -50.71 -23.35
CA LEU D 11 -7.46 -52.00 -22.72
C LEU D 11 -6.11 -52.62 -22.38
N VAL D 12 -5.91 -52.90 -21.09
CA VAL D 12 -4.68 -53.55 -20.62
C VAL D 12 -5.07 -54.61 -19.60
N GLN D 13 -4.13 -55.51 -19.32
CA GLN D 13 -4.38 -56.56 -18.35
C GLN D 13 -4.49 -56.00 -16.94
N PRO D 14 -5.30 -56.62 -16.09
CA PRO D 14 -5.42 -56.14 -14.71
C PRO D 14 -4.12 -56.24 -13.94
N GLY D 15 -3.93 -55.30 -13.01
CA GLY D 15 -2.75 -55.25 -12.18
C GLY D 15 -1.61 -54.42 -12.73
N GLY D 16 -1.73 -53.94 -13.96
CA GLY D 16 -0.69 -53.14 -14.58
C GLY D 16 -0.78 -51.68 -14.18
N SER D 17 0.11 -50.89 -14.78
CA SER D 17 0.18 -49.45 -14.55
C SER D 17 -0.04 -48.71 -15.86
N ARG D 18 -0.84 -47.64 -15.81
CA ARG D 18 -1.19 -46.88 -16.99
C ARG D 18 -0.82 -45.41 -16.80
N LYS D 19 -1.04 -44.63 -17.86
CA LYS D 19 -0.66 -43.23 -17.90
C LYS D 19 -1.73 -42.46 -18.66
N LEU D 20 -2.25 -41.39 -18.06
CA LEU D 20 -3.20 -40.51 -18.72
C LEU D 20 -2.66 -39.09 -18.74
N SER D 21 -2.95 -38.36 -19.82
CA SER D 21 -2.45 -37.00 -19.95
C SER D 21 -3.55 -36.10 -20.49
N CYS D 22 -3.53 -34.84 -20.05
CA CYS D 22 -4.47 -33.82 -20.51
C CYS D 22 -3.68 -32.53 -20.70
N SER D 23 -3.69 -32.01 -21.93
CA SER D 23 -2.93 -30.82 -22.28
C SER D 23 -3.90 -29.69 -22.64
N ALA D 24 -3.65 -28.51 -22.09
CA ALA D 24 -4.47 -27.33 -22.32
C ALA D 24 -3.71 -26.37 -23.22
N SER D 25 -4.31 -26.02 -24.35
CA SER D 25 -3.71 -25.10 -25.31
C SER D 25 -4.71 -23.99 -25.63
N GLY D 26 -4.22 -22.75 -25.58
CA GLY D 26 -5.04 -21.59 -25.90
C GLY D 26 -5.42 -20.72 -24.73
N PHE D 27 -5.05 -21.08 -23.50
CA PHE D 27 -5.35 -20.27 -22.34
C PHE D 27 -4.34 -20.56 -21.25
N ALA D 28 -4.29 -19.65 -20.27
CA ALA D 28 -3.37 -19.78 -19.13
C ALA D 28 -4.09 -20.55 -18.03
N PHE D 29 -3.71 -21.82 -17.87
CA PHE D 29 -4.33 -22.69 -16.88
C PHE D 29 -3.59 -22.68 -15.55
N SER D 30 -2.54 -21.86 -15.41
CA SER D 30 -1.77 -21.83 -14.17
C SER D 30 -2.59 -21.35 -12.98
N SER D 31 -3.69 -20.62 -13.22
CA SER D 31 -4.54 -20.13 -12.15
C SER D 31 -5.90 -20.83 -12.14
N PHE D 32 -5.99 -22.03 -12.71
CA PHE D 32 -7.23 -22.77 -12.81
C PHE D 32 -7.09 -24.08 -12.04
N GLY D 33 -7.99 -24.32 -11.09
CA GLY D 33 -8.05 -25.62 -10.45
C GLY D 33 -8.55 -26.69 -11.41
N MET D 34 -8.04 -27.90 -11.23
CA MET D 34 -8.28 -28.98 -12.18
C MET D 34 -9.02 -30.12 -11.49
N HIS D 35 -9.87 -30.80 -12.26
CA HIS D 35 -10.61 -31.96 -11.78
C HIS D 35 -10.55 -33.07 -12.81
N TRP D 36 -10.40 -34.30 -12.31
CA TRP D 36 -10.55 -35.51 -13.11
C TRP D 36 -11.83 -36.21 -12.68
N VAL D 37 -12.73 -36.43 -13.64
CA VAL D 37 -14.06 -36.96 -13.37
C VAL D 37 -14.31 -38.17 -14.26
N ARG D 38 -14.94 -39.19 -13.67
CA ARG D 38 -15.24 -40.42 -14.39
C ARG D 38 -16.74 -40.56 -14.62
N GLN D 39 -17.10 -41.20 -15.72
CA GLN D 39 -18.50 -41.45 -16.09
C GLN D 39 -18.64 -42.88 -16.55
N ALA D 40 -19.41 -43.67 -15.80
CA ALA D 40 -19.60 -45.07 -16.14
C ALA D 40 -20.40 -45.20 -17.43
N PRO D 41 -20.18 -46.27 -18.20
CA PRO D 41 -20.93 -46.43 -19.46
C PRO D 41 -22.44 -46.49 -19.26
N GLU D 42 -22.90 -47.09 -18.18
CA GLU D 42 -24.33 -47.24 -17.91
C GLU D 42 -24.78 -46.45 -16.69
N LYS D 43 -23.98 -45.50 -16.23
CA LYS D 43 -24.31 -44.66 -15.08
C LYS D 43 -23.87 -43.24 -15.37
N GLY D 44 -24.07 -42.36 -14.40
CA GLY D 44 -23.78 -40.95 -14.55
C GLY D 44 -22.35 -40.60 -14.22
N LEU D 45 -22.10 -39.29 -14.10
CA LEU D 45 -20.77 -38.79 -13.79
C LEU D 45 -20.37 -39.14 -12.37
N GLU D 46 -19.06 -39.24 -12.15
CA GLU D 46 -18.50 -39.48 -10.82
C GLU D 46 -17.12 -38.86 -10.76
N TRP D 47 -16.88 -38.03 -9.73
CA TRP D 47 -15.61 -37.35 -9.59
C TRP D 47 -14.52 -38.33 -9.14
N VAL D 48 -13.28 -38.04 -9.54
CA VAL D 48 -12.15 -38.88 -9.18
C VAL D 48 -11.13 -38.09 -8.37
N ALA D 49 -10.54 -37.06 -8.98
CA ALA D 49 -9.39 -36.38 -8.38
C ALA D 49 -9.52 -34.87 -8.54
N TYR D 50 -8.86 -34.14 -7.64
CA TYR D 50 -8.92 -32.68 -7.64
C TYR D 50 -7.55 -32.10 -7.31
N ILE D 51 -7.11 -31.15 -8.13
CA ILE D 51 -5.83 -30.46 -7.97
C ILE D 51 -6.10 -28.97 -7.82
N SER D 52 -5.48 -28.36 -6.82
CA SER D 52 -5.64 -26.93 -6.58
C SER D 52 -4.87 -26.14 -7.63
N SER D 53 -4.93 -24.80 -7.53
CA SER D 53 -4.26 -23.95 -8.51
C SER D 53 -2.75 -24.09 -8.45
N GLY D 54 -2.17 -24.19 -7.25
CA GLY D 54 -0.73 -24.31 -7.11
C GLY D 54 -0.31 -25.57 -6.38
N SER D 55 -1.10 -26.63 -6.52
CA SER D 55 -0.85 -27.92 -5.88
C SER D 55 -0.85 -27.83 -4.36
N GLY D 56 -1.40 -26.74 -3.81
CA GLY D 56 -1.50 -26.63 -2.36
C GLY D 56 -2.45 -27.64 -1.76
N THR D 57 -3.56 -27.91 -2.47
CA THR D 57 -4.56 -28.87 -2.02
C THR D 57 -4.68 -29.99 -3.05
N ILE D 58 -4.52 -31.22 -2.59
CA ILE D 58 -4.62 -32.41 -3.44
C ILE D 58 -5.67 -33.32 -2.83
N TYR D 59 -6.74 -33.59 -3.59
CA TYR D 59 -7.88 -34.33 -3.07
C TYR D 59 -8.14 -35.57 -3.93
N TYR D 60 -8.34 -36.71 -3.27
CA TYR D 60 -8.47 -37.99 -3.93
C TYR D 60 -9.85 -38.58 -3.67
N ALA D 61 -10.24 -39.54 -4.50
CA ALA D 61 -11.57 -40.13 -4.42
C ALA D 61 -11.73 -40.90 -3.12
N ASP D 62 -12.93 -40.82 -2.54
CA ASP D 62 -13.22 -41.53 -1.29
C ASP D 62 -13.41 -43.03 -1.53
N THR D 63 -13.97 -43.41 -2.68
CA THR D 63 -14.18 -44.83 -2.95
C THR D 63 -12.85 -45.56 -3.10
N VAL D 64 -11.85 -44.92 -3.69
CA VAL D 64 -10.51 -45.49 -3.81
C VAL D 64 -9.51 -44.36 -4.03
N LYS D 65 -8.41 -44.40 -3.27
CA LYS D 65 -7.39 -43.35 -3.38
C LYS D 65 -5.96 -43.86 -3.45
N GLY D 66 -5.67 -45.09 -3.00
CA GLY D 66 -4.30 -45.55 -3.00
C GLY D 66 -3.75 -45.88 -4.38
N ARG D 67 -4.65 -46.17 -5.34
CA ARG D 67 -4.24 -46.56 -6.68
C ARG D 67 -4.30 -45.41 -7.68
N PHE D 68 -4.56 -44.19 -7.22
CA PHE D 68 -4.57 -43.00 -8.06
C PHE D 68 -3.45 -42.07 -7.63
N THR D 69 -2.80 -41.44 -8.61
CA THR D 69 -1.91 -40.34 -8.28
C THR D 69 -1.91 -39.33 -9.42
N ILE D 70 -1.77 -38.06 -9.04
CA ILE D 70 -1.97 -36.92 -9.93
C ILE D 70 -0.73 -36.04 -9.89
N SER D 71 -0.48 -35.33 -10.99
CA SER D 71 0.55 -34.31 -11.00
C SER D 71 0.35 -33.42 -12.21
N ARG D 72 1.02 -32.27 -12.22
CA ARG D 72 0.93 -31.32 -13.31
C ARG D 72 2.22 -30.55 -13.46
N ASP D 73 2.43 -30.01 -14.67
CA ASP D 73 3.55 -29.13 -14.96
C ASP D 73 3.05 -27.98 -15.81
N ASP D 74 3.23 -26.76 -15.32
CA ASP D 74 2.80 -25.55 -16.00
C ASP D 74 3.68 -25.20 -17.20
N PRO D 75 5.02 -25.22 -17.08
CA PRO D 75 5.84 -24.93 -18.27
C PRO D 75 5.58 -25.88 -19.43
N LYS D 76 5.35 -27.16 -19.15
CA LYS D 76 5.00 -28.09 -20.21
C LYS D 76 3.50 -28.10 -20.48
N ASN D 77 2.70 -27.49 -19.61
CA ASN D 77 1.24 -27.41 -19.77
C ASN D 77 0.63 -28.80 -19.89
N THR D 78 0.80 -29.61 -18.85
CA THR D 78 0.32 -30.99 -18.89
C THR D 78 -0.12 -31.42 -17.49
N LEU D 79 -1.34 -31.96 -17.40
CA LEU D 79 -1.87 -32.58 -16.18
C LEU D 79 -1.94 -34.08 -16.44
N PHE D 80 -1.18 -34.87 -15.68
CA PHE D 80 -1.10 -36.30 -15.96
C PHE D 80 -1.28 -37.13 -14.70
N LEU D 81 -1.79 -38.35 -14.94
CA LEU D 81 -2.31 -39.28 -13.95
C LEU D 81 -1.62 -40.63 -14.10
N GLN D 82 -1.27 -41.23 -12.97
CA GLN D 82 -0.76 -42.59 -12.92
C GLN D 82 -1.70 -43.45 -12.08
N MET D 83 -2.05 -44.62 -12.62
CA MET D 83 -2.88 -45.60 -11.95
C MET D 83 -2.13 -46.92 -11.85
N THR D 84 -2.22 -47.56 -10.68
CA THR D 84 -1.50 -48.81 -10.44
C THR D 84 -2.45 -49.85 -9.88
N SER D 85 -2.30 -51.10 -10.35
CA SER D 85 -3.09 -52.24 -9.88
C SER D 85 -4.58 -51.99 -10.07
N LEU D 86 -4.97 -51.86 -11.33
CA LEU D 86 -6.33 -51.56 -11.69
C LEU D 86 -7.24 -52.78 -11.48
N ARG D 87 -8.51 -52.50 -11.26
CA ARG D 87 -9.54 -53.51 -11.08
C ARG D 87 -10.59 -53.37 -12.20
N SER D 88 -11.68 -54.12 -12.09
CA SER D 88 -12.76 -54.01 -13.05
C SER D 88 -13.74 -52.91 -12.70
N GLU D 89 -13.64 -52.33 -11.50
CA GLU D 89 -14.60 -51.30 -11.08
C GLU D 89 -14.38 -50.01 -11.87
N ASP D 90 -13.13 -49.56 -11.97
CA ASP D 90 -12.81 -48.32 -12.68
C ASP D 90 -12.78 -48.60 -14.18
N THR D 91 -13.96 -48.55 -14.79
CA THR D 91 -14.16 -48.81 -16.21
C THR D 91 -14.99 -47.68 -16.82
N ALA D 92 -14.59 -46.44 -16.55
CA ALA D 92 -15.38 -45.27 -16.88
C ALA D 92 -14.59 -44.30 -17.76
N MET D 93 -15.33 -43.52 -18.54
CA MET D 93 -14.74 -42.44 -19.32
C MET D 93 -14.15 -41.37 -18.39
N TYR D 94 -13.00 -40.83 -18.76
CA TYR D 94 -12.28 -39.87 -17.93
C TYR D 94 -12.26 -38.51 -18.62
N TYR D 95 -12.54 -37.46 -17.83
CA TYR D 95 -12.58 -36.09 -18.32
C TYR D 95 -11.75 -35.20 -17.41
N CYS D 96 -10.99 -34.29 -18.03
CA CYS D 96 -10.26 -33.26 -17.32
C CYS D 96 -10.97 -31.93 -17.49
N VAL D 97 -11.32 -31.31 -16.36
CA VAL D 97 -12.14 -30.10 -16.34
C VAL D 97 -11.40 -29.02 -15.55
N ARG D 98 -11.61 -27.77 -15.95
CA ARG D 98 -11.04 -26.62 -15.27
C ARG D 98 -12.12 -25.84 -14.55
N SER D 99 -11.73 -25.21 -13.45
CA SER D 99 -12.65 -24.38 -12.67
C SER D 99 -11.84 -23.40 -11.84
N ILE D 100 -12.31 -22.16 -11.78
CA ILE D 100 -11.68 -21.10 -11.00
C ILE D 100 -12.68 -20.61 -9.96
N TYR D 101 -12.20 -20.36 -8.75
CA TYR D 101 -13.07 -20.05 -7.62
C TYR D 101 -12.74 -18.68 -7.06
N TYR D 102 -13.65 -17.72 -7.25
CA TYR D 102 -13.66 -16.46 -6.53
C TYR D 102 -15.11 -16.05 -6.38
N TYR D 103 -15.36 -14.84 -5.87
CA TYR D 103 -16.73 -14.37 -5.75
C TYR D 103 -17.30 -14.08 -7.14
N GLY D 104 -18.54 -14.52 -7.36
CA GLY D 104 -19.18 -14.33 -8.64
C GLY D 104 -18.60 -15.13 -9.78
N SER D 105 -17.76 -16.13 -9.49
CA SER D 105 -17.19 -16.94 -10.54
C SER D 105 -18.20 -17.99 -11.01
N SER D 106 -17.80 -18.76 -12.03
CA SER D 106 -18.62 -19.83 -12.60
C SER D 106 -17.81 -21.12 -12.62
N PRO D 107 -17.79 -21.86 -11.52
CA PRO D 107 -17.05 -23.13 -11.49
C PRO D 107 -17.57 -24.11 -12.54
N PHE D 108 -16.65 -24.93 -13.04
CA PHE D 108 -16.96 -25.98 -14.01
C PHE D 108 -17.53 -25.37 -15.31
N ASP D 109 -16.73 -24.52 -15.94
CA ASP D 109 -17.15 -23.84 -17.15
C ASP D 109 -16.96 -24.72 -18.38
N PHE D 110 -15.72 -25.11 -18.67
CA PHE D 110 -15.36 -25.80 -19.89
C PHE D 110 -14.95 -27.23 -19.58
N TRP D 111 -15.45 -28.17 -20.38
CA TRP D 111 -15.13 -29.59 -20.23
C TRP D 111 -14.34 -30.08 -21.43
N GLY D 112 -13.61 -31.18 -21.23
CA GLY D 112 -12.80 -31.77 -22.27
C GLY D 112 -13.55 -32.83 -23.07
N GLN D 113 -12.90 -33.28 -24.14
CA GLN D 113 -13.50 -34.28 -25.00
C GLN D 113 -13.67 -35.63 -24.30
N GLY D 114 -12.67 -36.05 -23.52
CA GLY D 114 -12.75 -37.28 -22.76
C GLY D 114 -12.01 -38.42 -23.44
N THR D 115 -11.74 -39.45 -22.63
CA THR D 115 -11.05 -40.64 -23.08
C THR D 115 -11.67 -41.85 -22.41
N THR D 116 -11.74 -42.97 -23.15
CA THR D 116 -12.37 -44.18 -22.68
C THR D 116 -11.32 -45.21 -22.29
N LEU D 117 -11.41 -45.70 -21.06
CA LEU D 117 -10.59 -46.79 -20.56
C LEU D 117 -11.50 -47.93 -20.13
N THR D 118 -11.35 -49.09 -20.77
CA THR D 118 -12.21 -50.23 -20.49
C THR D 118 -11.34 -51.46 -20.27
N VAL D 119 -11.71 -52.27 -19.28
CA VAL D 119 -10.95 -53.47 -18.94
C VAL D 119 -11.87 -54.68 -18.91
N SER D 136 -23.77 -43.42 4.18
CA SER D 136 -22.84 -42.83 3.23
C SER D 136 -22.96 -41.32 3.21
N ASP D 137 -22.42 -40.69 2.17
CA ASP D 137 -22.47 -39.24 2.02
C ASP D 137 -23.82 -38.82 1.43
N ILE D 138 -23.93 -37.57 1.00
CA ILE D 138 -25.17 -37.07 0.42
C ILE D 138 -25.49 -37.85 -0.84
N VAL D 139 -26.75 -38.27 -0.96
CA VAL D 139 -27.20 -39.08 -2.09
C VAL D 139 -28.36 -38.36 -2.77
N MET D 140 -28.28 -38.26 -4.10
CA MET D 140 -29.33 -37.65 -4.89
C MET D 140 -29.79 -38.66 -5.94
N THR D 141 -31.10 -38.84 -6.05
CA THR D 141 -31.67 -39.76 -7.04
C THR D 141 -32.81 -39.05 -7.77
N GLN D 142 -32.97 -39.42 -9.04
CA GLN D 142 -34.03 -38.86 -9.87
C GLN D 142 -35.23 -39.81 -9.89
N ALA D 143 -36.41 -39.28 -9.55
CA ALA D 143 -37.60 -40.12 -9.50
C ALA D 143 -37.95 -40.67 -10.88
N THR D 144 -37.85 -39.86 -11.91
CA THR D 144 -38.17 -40.28 -13.26
C THR D 144 -36.92 -40.69 -14.03
N SER D 145 -37.12 -41.45 -15.10
CA SER D 145 -36.04 -41.89 -15.96
C SER D 145 -36.27 -41.62 -17.43
N SER D 146 -37.49 -41.35 -17.86
CA SER D 146 -37.78 -41.06 -19.27
C SER D 146 -39.06 -40.24 -19.33
N VAL D 147 -38.96 -39.00 -19.79
CA VAL D 147 -40.11 -38.10 -19.86
C VAL D 147 -40.39 -37.79 -21.33
N PRO D 148 -41.45 -38.35 -21.92
CA PRO D 148 -41.77 -38.02 -23.32
C PRO D 148 -42.45 -36.66 -23.42
N VAL D 149 -41.92 -35.81 -24.30
CA VAL D 149 -42.42 -34.45 -24.47
C VAL D 149 -42.48 -34.13 -25.95
N THR D 150 -42.95 -32.91 -26.24
CA THR D 150 -43.13 -32.45 -27.60
C THR D 150 -42.44 -31.09 -27.79
N PRO D 151 -42.03 -30.77 -29.01
CA PRO D 151 -41.36 -29.47 -29.24
C PRO D 151 -42.32 -28.29 -29.18
N GLY D 152 -42.54 -27.75 -27.98
CA GLY D 152 -43.45 -26.64 -27.81
C GLY D 152 -44.17 -26.62 -26.48
N GLU D 153 -44.06 -27.71 -25.72
CA GLU D 153 -44.60 -27.75 -24.37
C GLU D 153 -43.48 -27.56 -23.35
N SER D 154 -43.87 -27.46 -22.08
CA SER D 154 -42.91 -27.27 -21.01
C SER D 154 -42.32 -28.61 -20.57
N VAL D 155 -41.05 -28.58 -20.19
CA VAL D 155 -40.32 -29.76 -19.73
C VAL D 155 -39.83 -29.48 -18.32
N SER D 156 -40.15 -30.38 -17.39
CA SER D 156 -39.76 -30.24 -15.99
C SER D 156 -38.93 -31.45 -15.58
N ILE D 157 -37.78 -31.19 -14.97
CA ILE D 157 -36.90 -32.25 -14.47
C ILE D 157 -36.64 -32.00 -12.99
N SER D 158 -36.81 -33.04 -12.18
CA SER D 158 -36.77 -32.90 -10.73
C SER D 158 -35.43 -33.39 -10.18
N CYS D 159 -35.10 -32.88 -9.00
CA CYS D 159 -33.89 -33.26 -8.28
C CYS D 159 -34.20 -33.23 -6.79
N ARG D 160 -33.80 -34.28 -6.09
CA ARG D 160 -34.03 -34.41 -4.65
C ARG D 160 -32.72 -34.73 -3.95
N SER D 161 -32.50 -34.08 -2.81
CA SER D 161 -31.29 -34.24 -2.03
C SER D 161 -31.64 -34.69 -0.61
N SER D 162 -30.83 -35.59 -0.06
CA SER D 162 -31.07 -36.12 1.27
C SER D 162 -30.76 -35.10 2.37
N LYS D 163 -30.03 -34.03 2.07
CA LYS D 163 -29.68 -33.03 3.07
C LYS D 163 -29.90 -31.65 2.47
N SER D 164 -30.17 -30.68 3.35
CA SER D 164 -30.39 -29.30 2.92
C SER D 164 -29.09 -28.71 2.38
N LEU D 165 -29.08 -28.39 1.08
CA LEU D 165 -27.88 -27.90 0.42
C LEU D 165 -27.51 -26.48 0.81
N LEU D 166 -28.38 -25.77 1.52
CA LEU D 166 -28.09 -24.39 1.89
C LEU D 166 -26.95 -24.32 2.89
N HIS D 167 -26.17 -23.25 2.79
CA HIS D 167 -25.06 -22.96 3.69
C HIS D 167 -25.38 -21.70 4.49
N SER D 168 -24.48 -21.37 5.42
CA SER D 168 -24.66 -20.16 6.22
C SER D 168 -24.51 -18.90 5.38
N ASN D 169 -23.64 -18.93 4.36
CA ASN D 169 -23.48 -17.76 3.49
C ASN D 169 -24.76 -17.45 2.73
N GLY D 170 -25.45 -18.48 2.25
CA GLY D 170 -26.70 -18.29 1.52
C GLY D 170 -26.65 -18.81 0.09
N ASN D 171 -25.59 -19.53 -0.24
CA ASN D 171 -25.42 -20.06 -1.59
C ASN D 171 -25.99 -21.47 -1.66
N THR D 172 -26.84 -21.71 -2.66
CA THR D 172 -27.40 -23.03 -2.90
C THR D 172 -26.50 -23.74 -3.91
N TYR D 173 -25.62 -24.60 -3.41
CA TYR D 173 -24.65 -25.27 -4.25
C TYR D 173 -25.31 -26.37 -5.06
N LEU D 174 -25.73 -26.04 -6.29
CA LEU D 174 -26.34 -27.03 -7.18
C LEU D 174 -26.03 -26.66 -8.62
N TYR D 175 -25.67 -27.67 -9.41
CA TYR D 175 -25.23 -27.48 -10.78
C TYR D 175 -25.91 -28.50 -11.69
N TRP D 176 -26.30 -28.03 -12.87
CA TRP D 176 -26.84 -28.86 -13.94
C TRP D 176 -25.86 -28.87 -15.10
N PHE D 177 -25.93 -29.93 -15.91
CA PHE D 177 -25.04 -30.07 -17.06
C PHE D 177 -25.76 -30.13 -18.39
N LEU D 178 -26.81 -30.95 -18.50
CA LEU D 178 -27.56 -31.11 -19.76
C LEU D 178 -26.63 -31.54 -20.90
N GLN D 179 -25.94 -32.66 -20.67
CA GLN D 179 -25.00 -33.17 -21.65
C GLN D 179 -25.74 -33.72 -22.87
N ARG D 180 -25.27 -33.32 -24.06
CA ARG D 180 -25.82 -33.84 -25.30
C ARG D 180 -25.31 -35.26 -25.56
N PRO D 181 -26.09 -36.08 -26.27
CA PRO D 181 -25.66 -37.47 -26.53
C PRO D 181 -24.69 -37.60 -27.71
N GLY D 182 -23.42 -37.39 -27.42
CA GLY D 182 -22.40 -37.52 -28.44
C GLY D 182 -21.25 -36.55 -28.33
N GLN D 183 -21.42 -35.49 -27.55
CA GLN D 183 -20.38 -34.48 -27.35
C GLN D 183 -20.12 -34.30 -25.86
N SER D 184 -19.17 -33.41 -25.56
CA SER D 184 -18.77 -33.19 -24.18
C SER D 184 -19.89 -32.49 -23.40
N PRO D 185 -19.98 -32.75 -22.09
CA PRO D 185 -20.98 -32.07 -21.28
C PRO D 185 -20.73 -30.57 -21.21
N GLN D 186 -21.81 -29.81 -21.12
CA GLN D 186 -21.79 -28.36 -21.05
C GLN D 186 -22.31 -27.93 -19.67
N LEU D 187 -22.24 -26.62 -19.40
CA LEU D 187 -22.79 -26.05 -18.18
C LEU D 187 -23.93 -25.11 -18.55
N LEU D 188 -25.08 -25.28 -17.91
CA LEU D 188 -26.26 -24.47 -18.19
C LEU D 188 -26.62 -23.56 -17.02
N ILE D 189 -26.84 -24.13 -15.83
CA ILE D 189 -27.21 -23.36 -14.65
C ILE D 189 -26.27 -23.76 -13.53
N TYR D 190 -25.60 -22.78 -12.93
CA TYR D 190 -24.74 -22.99 -11.78
C TYR D 190 -25.28 -22.23 -10.58
N ARG D 191 -25.19 -22.85 -9.40
CA ARG D 191 -25.74 -22.34 -8.15
C ARG D 191 -27.26 -22.20 -8.19
N MET D 192 -27.91 -22.89 -9.14
CA MET D 192 -29.36 -23.08 -9.17
C MET D 192 -30.10 -21.80 -9.55
N SER D 193 -29.38 -20.67 -9.62
CA SER D 193 -30.02 -19.39 -9.90
C SER D 193 -29.30 -18.53 -10.92
N ASN D 194 -28.18 -19.00 -11.49
CA ASN D 194 -27.41 -18.21 -12.43
C ASN D 194 -27.30 -18.98 -13.75
N LEU D 195 -27.50 -18.26 -14.86
CA LEU D 195 -27.45 -18.85 -16.19
C LEU D 195 -26.04 -18.66 -16.77
N ALA D 196 -25.62 -19.63 -17.57
CA ALA D 196 -24.30 -19.61 -18.19
C ALA D 196 -24.27 -18.57 -19.32
N SER D 197 -23.17 -18.51 -20.04
CA SER D 197 -22.97 -17.48 -21.07
C SER D 197 -23.48 -17.93 -22.44
N GLY D 198 -22.96 -19.05 -22.94
CA GLY D 198 -23.33 -19.52 -24.26
C GLY D 198 -24.62 -20.29 -24.35
N VAL D 199 -25.31 -20.50 -23.23
CA VAL D 199 -26.57 -21.23 -23.22
C VAL D 199 -27.69 -20.29 -23.68
N PRO D 200 -28.49 -20.66 -24.68
CA PRO D 200 -29.61 -19.81 -25.09
C PRO D 200 -30.62 -19.65 -23.96
N ASP D 201 -31.27 -18.49 -23.95
CA ASP D 201 -32.22 -18.14 -22.89
C ASP D 201 -33.53 -18.91 -23.10
N ARG D 202 -33.46 -20.21 -22.83
CA ARG D 202 -34.63 -21.09 -22.90
C ARG D 202 -34.73 -22.03 -21.71
N PHE D 203 -33.89 -21.87 -20.69
CA PHE D 203 -33.89 -22.72 -19.52
C PHE D 203 -34.02 -21.88 -18.26
N SER D 204 -34.59 -22.49 -17.21
CA SER D 204 -34.68 -21.84 -15.91
C SER D 204 -34.61 -22.90 -14.83
N GLY D 205 -34.22 -22.48 -13.63
CA GLY D 205 -34.10 -23.39 -12.52
C GLY D 205 -34.61 -22.77 -11.24
N SER D 206 -35.11 -23.61 -10.34
CA SER D 206 -35.58 -23.13 -9.06
C SER D 206 -35.50 -24.25 -8.04
N GLY D 207 -35.63 -23.89 -6.76
CA GLY D 207 -35.55 -24.86 -5.70
C GLY D 207 -35.89 -24.22 -4.36
N SER D 208 -35.89 -25.06 -3.32
CA SER D 208 -36.22 -24.62 -1.98
C SER D 208 -35.26 -25.12 -0.91
N GLY D 209 -34.37 -26.06 -1.22
CA GLY D 209 -33.45 -26.57 -0.24
C GLY D 209 -33.32 -28.08 -0.29
N THR D 210 -34.41 -28.76 -0.62
CA THR D 210 -34.41 -30.22 -0.79
C THR D 210 -35.08 -30.69 -2.07
N ALA D 211 -35.97 -29.90 -2.66
CA ALA D 211 -36.59 -30.22 -3.94
C ALA D 211 -36.25 -29.13 -4.94
N PHE D 212 -35.75 -29.53 -6.11
CA PHE D 212 -35.30 -28.59 -7.12
C PHE D 212 -35.87 -29.01 -8.47
N THR D 213 -36.09 -28.02 -9.33
CA THR D 213 -36.66 -28.28 -10.65
C THR D 213 -35.95 -27.45 -11.71
N LEU D 214 -35.86 -28.04 -12.90
CA LEU D 214 -35.34 -27.40 -14.09
C LEU D 214 -36.47 -27.37 -15.12
N THR D 215 -36.74 -26.17 -15.66
CA THR D 215 -37.88 -25.95 -16.55
C THR D 215 -37.39 -25.43 -17.90
N ILE D 216 -37.98 -25.98 -18.96
CA ILE D 216 -37.69 -25.57 -20.33
C ILE D 216 -39.02 -25.20 -20.98
N SER D 217 -39.07 -24.02 -21.60
CA SER D 217 -40.28 -23.54 -22.24
C SER D 217 -40.35 -23.95 -23.71
N ARG D 218 -39.36 -23.51 -24.50
CA ARG D 218 -39.31 -23.83 -25.91
C ARG D 218 -38.27 -24.92 -26.17
N LEU D 219 -38.61 -25.84 -27.07
CA LEU D 219 -37.76 -26.97 -27.38
C LEU D 219 -37.37 -26.96 -28.86
N GLU D 220 -36.13 -27.34 -29.12
CA GLU D 220 -35.62 -27.48 -30.48
C GLU D 220 -34.91 -28.82 -30.58
N ALA D 221 -34.23 -29.06 -31.71
CA ALA D 221 -33.48 -30.29 -31.90
C ALA D 221 -32.21 -30.36 -31.06
N GLU D 222 -31.79 -29.25 -30.46
CA GLU D 222 -30.57 -29.19 -29.66
C GLU D 222 -30.81 -29.43 -28.18
N ASP D 223 -32.06 -29.67 -27.77
CA ASP D 223 -32.38 -29.90 -26.37
C ASP D 223 -32.38 -31.38 -26.01
N VAL D 224 -32.07 -32.26 -26.96
CA VAL D 224 -32.00 -33.68 -26.69
C VAL D 224 -30.68 -33.98 -25.97
N GLY D 225 -30.76 -34.71 -24.87
CA GLY D 225 -29.57 -35.05 -24.12
C GLY D 225 -29.92 -35.63 -22.76
N VAL D 226 -28.92 -35.61 -21.88
CA VAL D 226 -29.05 -36.14 -20.52
C VAL D 226 -28.70 -35.04 -19.54
N TYR D 227 -29.51 -34.92 -18.48
CA TYR D 227 -29.38 -33.84 -17.50
C TYR D 227 -28.87 -34.42 -16.18
N TYR D 228 -28.08 -33.62 -15.46
CA TYR D 228 -27.45 -34.09 -14.23
C TYR D 228 -27.62 -33.05 -13.14
N CYS D 229 -27.57 -33.53 -11.89
CA CYS D 229 -27.74 -32.71 -10.69
C CYS D 229 -26.60 -32.99 -9.74
N MET D 230 -25.76 -31.98 -9.48
CA MET D 230 -24.58 -32.19 -8.65
C MET D 230 -24.48 -31.07 -7.62
N GLN D 231 -23.92 -31.38 -6.45
CA GLN D 231 -23.91 -30.46 -5.32
C GLN D 231 -22.51 -30.25 -4.81
N HIS D 232 -22.30 -29.11 -4.15
CA HIS D 232 -20.99 -28.73 -3.62
C HIS D 232 -21.11 -28.22 -2.19
N LEU D 233 -21.96 -28.87 -1.39
CA LEU D 233 -22.10 -28.50 0.02
C LEU D 233 -21.08 -29.25 0.89
N GLU D 234 -21.21 -30.57 0.95
CA GLU D 234 -20.16 -31.43 1.45
C GLU D 234 -19.22 -31.71 0.28
N TYR D 235 -18.29 -32.65 0.43
CA TYR D 235 -17.33 -32.93 -0.64
C TYR D 235 -17.26 -34.43 -0.91
N PRO D 236 -18.37 -35.04 -1.40
CA PRO D 236 -18.22 -36.33 -2.08
C PRO D 236 -18.19 -36.19 -3.59
N LEU D 237 -18.54 -34.99 -4.05
CA LEU D 237 -18.69 -34.67 -5.48
C LEU D 237 -19.44 -35.77 -6.22
N THR D 238 -20.56 -36.18 -5.63
CA THR D 238 -21.45 -37.15 -6.24
C THR D 238 -22.42 -36.45 -7.18
N PHE D 239 -22.99 -37.21 -8.10
CA PHE D 239 -23.80 -36.66 -9.18
C PHE D 239 -25.20 -37.25 -9.13
N GLY D 240 -26.02 -36.87 -10.11
CA GLY D 240 -27.38 -37.33 -10.22
C GLY D 240 -27.49 -38.63 -11.01
N ALA D 241 -28.71 -38.92 -11.43
CA ALA D 241 -28.99 -40.16 -12.17
C ALA D 241 -28.91 -39.94 -13.68
N GLY D 242 -29.73 -39.04 -14.21
CA GLY D 242 -29.74 -38.77 -15.63
C GLY D 242 -31.02 -39.18 -16.32
N THR D 243 -31.51 -38.34 -17.22
CA THR D 243 -32.74 -38.62 -17.98
C THR D 243 -32.48 -38.39 -19.45
N LYS D 244 -32.83 -39.37 -20.27
CA LYS D 244 -32.62 -39.33 -21.71
C LYS D 244 -33.89 -38.90 -22.41
N LEU D 245 -33.76 -37.98 -23.36
CA LEU D 245 -34.89 -37.47 -24.14
C LEU D 245 -34.86 -38.08 -25.54
N GLU D 246 -36.02 -38.58 -25.98
CA GLU D 246 -36.15 -39.21 -27.28
C GLU D 246 -37.27 -38.53 -28.06
N LEU D 247 -36.98 -38.16 -29.30
CA LEU D 247 -37.97 -37.53 -30.17
C LEU D 247 -38.26 -38.39 -31.39
N THR E 6 -9.86 37.37 -34.78
CA THR E 6 -8.84 36.65 -34.02
C THR E 6 -9.47 35.75 -32.95
N ALA E 7 -8.63 35.03 -32.22
CA ALA E 7 -9.13 34.14 -31.18
C ALA E 7 -9.74 34.93 -30.02
N SER E 8 -9.13 36.05 -29.65
CA SER E 8 -9.61 36.82 -28.51
C SER E 8 -11.00 37.38 -28.75
N ILE E 9 -11.25 37.91 -29.94
CA ILE E 9 -12.56 38.50 -30.22
C ILE E 9 -13.62 37.40 -30.29
N ALA E 10 -13.28 36.24 -30.86
CA ALA E 10 -14.22 35.13 -30.88
C ALA E 10 -14.54 34.66 -29.48
N GLN E 11 -13.53 34.59 -28.61
CA GLN E 11 -13.76 34.25 -27.21
C GLN E 11 -14.67 35.28 -26.54
N ALA E 12 -14.46 36.57 -26.85
CA ALA E 12 -15.30 37.61 -26.28
C ALA E 12 -16.76 37.42 -26.68
N ARG E 13 -17.03 37.22 -27.97
CA ARG E 13 -18.41 37.03 -28.40
C ARG E 13 -19.03 35.76 -27.82
N LYS E 14 -18.27 34.65 -27.80
CA LYS E 14 -18.84 33.42 -27.28
C LYS E 14 -19.12 33.54 -25.78
N LEU E 15 -18.25 34.23 -25.02
CA LEU E 15 -18.52 34.46 -23.62
C LEU E 15 -19.72 35.38 -23.41
N VAL E 16 -19.89 36.38 -24.26
CA VAL E 16 -21.06 37.24 -24.17
C VAL E 16 -22.33 36.43 -24.38
N GLU E 17 -22.34 35.56 -25.39
CA GLU E 17 -23.50 34.69 -25.63
C GLU E 17 -23.73 33.74 -24.46
N GLN E 18 -22.65 33.19 -23.89
CA GLN E 18 -22.77 32.32 -22.73
C GLN E 18 -23.44 33.04 -21.57
N LEU E 19 -22.97 34.26 -21.28
CA LEU E 19 -23.60 35.08 -20.25
C LEU E 19 -25.06 35.37 -20.60
N LYS E 20 -25.36 35.53 -21.89
CA LYS E 20 -26.73 35.82 -22.30
C LYS E 20 -27.68 34.68 -21.92
N MET E 21 -27.35 33.45 -22.32
CA MET E 21 -28.32 32.41 -21.94
C MET E 21 -28.14 31.98 -20.47
N GLU E 22 -27.04 32.36 -19.81
CA GLU E 22 -27.02 32.23 -18.36
C GLU E 22 -28.06 33.13 -17.70
N ALA E 23 -28.16 34.38 -18.17
CA ALA E 23 -29.17 35.29 -17.66
C ALA E 23 -30.58 34.85 -18.06
N ASN E 24 -30.72 34.21 -19.22
CA ASN E 24 -32.01 33.75 -19.70
C ASN E 24 -32.38 32.36 -19.20
N ILE E 25 -31.84 31.94 -18.04
CA ILE E 25 -32.12 30.61 -17.52
C ILE E 25 -33.32 30.59 -16.59
N ASP E 26 -33.77 31.74 -16.10
CA ASP E 26 -34.95 31.84 -15.23
C ASP E 26 -34.80 30.98 -13.98
N ARG E 27 -33.81 31.36 -13.17
CA ARG E 27 -33.53 30.63 -11.94
C ARG E 27 -34.68 30.79 -10.94
N ILE E 28 -34.99 29.70 -10.25
CA ILE E 28 -36.05 29.69 -9.24
C ILE E 28 -35.49 30.12 -7.89
N LYS E 29 -36.38 30.45 -6.96
CA LYS E 29 -35.96 30.85 -5.61
C LYS E 29 -35.46 29.65 -4.84
N VAL E 30 -34.63 29.93 -3.81
CA VAL E 30 -34.02 28.85 -3.03
C VAL E 30 -35.00 28.21 -2.06
N SER E 31 -36.15 28.84 -1.80
CA SER E 31 -37.10 28.30 -0.83
C SER E 31 -37.64 26.95 -1.26
N LYS E 32 -38.05 26.83 -2.54
CA LYS E 32 -38.57 25.57 -3.03
C LYS E 32 -37.49 24.49 -3.04
N ALA E 33 -36.26 24.85 -3.41
CA ALA E 33 -35.17 23.88 -3.42
C ALA E 33 -34.89 23.37 -2.01
N ALA E 34 -34.86 24.27 -1.03
CA ALA E 34 -34.63 23.86 0.35
C ALA E 34 -35.76 22.98 0.86
N ALA E 35 -37.01 23.34 0.54
CA ALA E 35 -38.14 22.53 0.96
C ALA E 35 -38.10 21.14 0.35
N ASP E 36 -37.76 21.05 -0.94
CA ASP E 36 -37.65 19.75 -1.59
C ASP E 36 -36.52 18.92 -1.00
N LEU E 37 -35.38 19.56 -0.71
CA LEU E 37 -34.28 18.84 -0.10
C LEU E 37 -34.66 18.28 1.27
N MET E 38 -35.32 19.11 2.09
CA MET E 38 -35.73 18.65 3.40
C MET E 38 -36.77 17.54 3.31
N ALA E 39 -37.71 17.65 2.38
CA ALA E 39 -38.71 16.60 2.20
C ALA E 39 -38.06 15.30 1.77
N TYR E 40 -37.11 15.35 0.84
CA TYR E 40 -36.42 14.15 0.41
C TYR E 40 -35.63 13.52 1.56
N CYS E 41 -34.93 14.34 2.34
CA CYS E 41 -34.16 13.81 3.45
C CYS E 41 -35.08 13.15 4.49
N GLU E 42 -36.19 13.80 4.82
CA GLU E 42 -37.12 13.22 5.78
C GLU E 42 -37.75 11.93 5.25
N ALA E 43 -38.10 11.89 3.97
CA ALA E 43 -38.74 10.71 3.41
C ALA E 43 -37.77 9.54 3.34
N HIS E 44 -36.52 9.78 2.96
CA HIS E 44 -35.57 8.71 2.73
C HIS E 44 -34.67 8.44 3.94
N ALA E 45 -34.86 9.16 5.04
CA ALA E 45 -34.05 8.90 6.23
C ALA E 45 -34.68 7.81 7.09
N LYS E 46 -35.06 6.69 6.48
CA LYS E 46 -35.56 5.54 7.22
C LYS E 46 -34.99 4.21 6.75
N GLU E 47 -34.55 4.09 5.49
CA GLU E 47 -34.05 2.84 4.94
C GLU E 47 -32.54 2.78 4.85
N ASP E 48 -31.83 3.79 5.37
CA ASP E 48 -30.39 3.86 5.22
C ASP E 48 -29.70 3.53 6.54
N PRO E 49 -28.68 2.67 6.52
CA PRO E 49 -27.87 2.46 7.74
C PRO E 49 -26.98 3.66 8.03
N LEU E 50 -26.15 3.55 9.05
CA LEU E 50 -25.20 4.58 9.51
C LEU E 50 -25.91 5.79 10.12
N LEU E 51 -27.23 5.81 10.12
CA LEU E 51 -28.02 6.86 10.75
C LEU E 51 -28.84 6.34 11.92
N THR E 52 -29.52 5.21 11.75
CA THR E 52 -30.21 4.51 12.84
C THR E 52 -29.60 3.12 12.92
N PRO E 53 -28.72 2.89 13.90
CA PRO E 53 -28.02 1.60 13.96
C PRO E 53 -28.99 0.42 14.03
N VAL E 54 -28.66 -0.62 13.28
CA VAL E 54 -29.50 -1.81 13.19
C VAL E 54 -28.90 -2.90 14.07
N PRO E 55 -29.70 -3.85 14.56
CA PRO E 55 -29.13 -4.97 15.34
C PRO E 55 -28.20 -5.81 14.49
N ALA E 56 -27.21 -6.40 15.15
CA ALA E 56 -26.19 -7.18 14.46
C ALA E 56 -26.72 -8.55 14.05
N SER E 57 -27.78 -8.57 13.25
CA SER E 57 -28.34 -9.81 12.70
C SER E 57 -28.28 -9.84 11.19
N GLU E 58 -28.76 -8.79 10.52
CA GLU E 58 -28.68 -8.67 9.07
C GLU E 58 -27.47 -7.86 8.61
N ASN E 59 -26.67 -7.36 9.54
CA ASN E 59 -25.48 -6.58 9.20
C ASN E 59 -24.42 -7.50 8.61
N PRO E 60 -24.00 -7.27 7.37
CA PRO E 60 -22.93 -8.11 6.80
C PRO E 60 -21.60 -8.01 7.54
N PHE E 61 -21.32 -6.89 8.20
CA PHE E 61 -20.09 -6.71 8.96
C PHE E 61 -20.44 -6.88 10.44
N ARG E 62 -20.09 -8.05 10.98
CA ARG E 62 -20.39 -8.36 12.38
C ARG E 62 -19.28 -7.91 13.32
N GLU E 63 -18.02 -8.09 12.94
CA GLU E 63 -16.89 -7.73 13.78
C GLU E 63 -15.67 -7.37 12.94
C10 UJF F . 24.36 -12.75 37.28
C13 UJF F . 23.41 -11.69 37.82
C01 UJF F . 27.03 -15.68 31.54
C02 UJF F . 28.21 -15.74 32.25
C03 UJF F . 28.18 -15.70 33.63
C04 UJF F . 26.98 -15.62 34.30
C05 UJF F . 25.80 -15.58 33.57
C06 UJF F . 25.82 -15.59 32.20
C07 UJF F . 26.09 -14.63 36.23
C08 UJF F . 25.85 -13.44 35.56
C09 UJF F . 24.97 -12.51 36.08
C11 UJF F . 24.60 -13.92 37.97
C12 UJF F . 25.47 -14.86 37.45
C14 UJF F . 22.90 -10.95 36.60
I01 UJF F . 25.83 -16.63 38.52
N01 UJF F . 21.98 -11.80 35.87
O01 UJF F . 27.02 -15.72 30.13
O02 UJF F . 26.97 -15.58 35.71
#